data_3VV3
#
_entry.id   3VV3
#
_cell.length_a   70.792
_cell.length_b   72.454
_cell.length_c   137.627
_cell.angle_alpha   90.00
_cell.angle_beta   90.00
_cell.angle_gamma   90.00
#
_symmetry.space_group_name_H-M   'P 21 21 21'
#
loop_
_entity.id
_entity.type
_entity.pdbx_description
1 polymer 'Deseasin MCP-01'
2 non-polymer 'CALCIUM ION'
3 water water
#
_entity_poly.entity_id   1
_entity_poly.type   'polypeptide(L)'
_entity_poly.pdbx_seq_one_letter_code
;ASATNDPRFDDLWGLNNEGQTGGTADADIDAPEAWSISTGSRDVVVGVIDTGVDYSHPDLAANAWVNSGEIAGDGIDNDG
NGYIDDVHGINAITDVGDPMDDEGHGTHVSGTIGASGNNGVGVVGVNHDVSIVGCKFLAADGTGSTSGAIKCIDYMVGLK
NAGVNLRVLNNSWGGGGFSQALADAITASEQADILFVAAAGNDAVDNDQNPHYPSNYENDNVLSIASTDSRDNMSSFSQW
GLTSVDMGAPGSGILSTVPGNSYATYSGTSMATPHVAGAAALVLSVNPDLTTLELKELLMSSGDANAALNGKTVAGTRLN
VNQALIDADPTPGF
;
_entity_poly.pdbx_strand_id   A,B
#
# COMPACT_ATOMS: atom_id res chain seq x y z
N SER A 2 -5.16 -7.59 -29.96
CA SER A 2 -4.62 -6.58 -29.06
C SER A 2 -3.31 -6.02 -29.59
N ALA A 3 -2.81 -4.95 -28.98
CA ALA A 3 -1.59 -4.30 -29.44
C ALA A 3 -0.37 -5.22 -29.35
N THR A 4 -0.39 -6.13 -28.38
CA THR A 4 0.66 -7.12 -28.25
C THR A 4 0.04 -8.49 -27.99
N ASN A 5 0.86 -9.54 -28.05
CA ASN A 5 0.39 -10.89 -27.79
C ASN A 5 0.50 -11.28 -26.31
N ASP A 6 0.82 -10.30 -25.47
CA ASP A 6 0.85 -10.57 -24.03
C ASP A 6 -0.59 -10.77 -23.55
N PRO A 7 -0.85 -11.92 -22.93
CA PRO A 7 -2.24 -12.35 -22.68
C PRO A 7 -3.03 -11.40 -21.78
N ARG A 8 -2.35 -10.65 -20.90
CA ARG A 8 -3.04 -9.75 -19.99
C ARG A 8 -3.07 -8.32 -20.49
N PHE A 9 -2.70 -8.12 -21.76
CA PHE A 9 -2.62 -6.77 -22.29
C PHE A 9 -3.88 -5.94 -22.09
N ASP A 10 -5.05 -6.54 -22.29
CA ASP A 10 -6.30 -5.79 -22.25
C ASP A 10 -6.64 -5.23 -20.86
N ASP A 11 -5.98 -5.74 -19.82
CA ASP A 11 -6.20 -5.25 -18.46
C ASP A 11 -5.38 -3.99 -18.19
N LEU A 12 -4.45 -3.69 -19.09
CA LEU A 12 -3.55 -2.54 -18.94
C LEU A 12 -4.16 -1.25 -19.49
N TRP A 13 -5.17 -0.72 -18.81
CA TRP A 13 -5.87 0.44 -19.33
C TRP A 13 -4.93 1.66 -19.45
N GLY A 14 -3.95 1.76 -18.55
CA GLY A 14 -3.04 2.89 -18.57
C GLY A 14 -2.25 2.98 -19.86
N LEU A 15 -1.98 1.84 -20.47
CA LEU A 15 -1.24 1.81 -21.73
C LEU A 15 -2.19 2.00 -22.91
N ASN A 16 -3.35 1.36 -22.80
CA ASN A 16 -4.36 1.45 -23.85
C ASN A 16 -5.75 1.30 -23.23
N ASN A 17 -6.55 2.35 -23.33
CA ASN A 17 -7.87 2.38 -22.71
C ASN A 17 -8.93 2.54 -23.80
N GLU A 18 -9.77 1.54 -23.94
CA GLU A 18 -10.96 1.57 -24.82
C GLU A 18 -12.25 1.55 -24.01
N GLY A 19 -12.10 1.80 -22.73
CA GLY A 19 -13.24 1.74 -21.83
C GLY A 19 -13.46 0.35 -21.26
N GLN A 20 -12.51 -0.55 -21.52
CA GLN A 20 -12.71 -1.97 -21.19
C GLN A 20 -12.62 -2.29 -19.70
N THR A 21 -12.13 -1.36 -18.89
CA THR A 21 -12.16 -1.56 -17.43
C THR A 21 -13.22 -0.68 -16.79
N GLY A 22 -14.13 -0.15 -17.61
CA GLY A 22 -15.24 0.64 -17.12
C GLY A 22 -14.98 2.13 -17.09
N GLY A 23 -13.88 2.55 -17.70
CA GLY A 23 -13.53 3.97 -17.73
C GLY A 23 -13.86 4.65 -19.05
N THR A 24 -13.06 5.65 -19.38
CA THR A 24 -13.31 6.48 -20.56
C THR A 24 -12.31 6.13 -21.64
N ALA A 25 -12.79 5.84 -22.84
CA ALA A 25 -11.88 5.54 -23.95
C ALA A 25 -10.86 6.67 -24.14
N ASP A 26 -9.61 6.28 -24.36
CA ASP A 26 -8.48 7.19 -24.59
C ASP A 26 -7.92 7.90 -23.36
N ALA A 27 -8.41 7.54 -22.18
CA ALA A 27 -7.77 7.98 -20.95
C ALA A 27 -6.60 7.04 -20.72
N ASP A 28 -5.49 7.33 -21.38
CA ASP A 28 -4.33 6.44 -21.38
C ASP A 28 -3.13 7.21 -21.90
N ILE A 29 -1.98 6.56 -21.94
CA ILE A 29 -0.74 7.24 -22.34
C ILE A 29 -0.41 7.03 -23.81
N ASP A 30 -1.32 6.40 -24.55
CA ASP A 30 -1.12 6.15 -25.98
C ASP A 30 0.13 5.32 -26.25
N ALA A 31 0.32 4.24 -25.49
CA ALA A 31 1.49 3.39 -25.63
C ALA A 31 1.59 2.68 -26.98
N PRO A 32 0.48 2.08 -27.46
CA PRO A 32 0.59 1.37 -28.75
C PRO A 32 1.00 2.30 -29.89
N GLU A 33 0.50 3.53 -29.86
CA GLU A 33 0.91 4.52 -30.84
C GLU A 33 2.40 4.80 -30.70
N ALA A 34 2.86 5.00 -29.47
CA ALA A 34 4.27 5.28 -29.24
C ALA A 34 5.15 4.13 -29.74
N TRP A 35 4.65 2.90 -29.58
CA TRP A 35 5.43 1.74 -29.96
C TRP A 35 5.68 1.63 -31.46
N SER A 36 4.98 2.43 -32.25
CA SER A 36 5.25 2.46 -33.68
C SER A 36 6.56 3.19 -33.95
N ILE A 37 6.99 3.98 -32.98
CA ILE A 37 8.24 4.74 -33.06
C ILE A 37 9.36 3.98 -32.38
N SER A 38 9.10 3.50 -31.16
CA SER A 38 10.09 2.74 -30.41
C SER A 38 9.41 1.84 -29.39
N THR A 39 9.95 0.65 -29.21
CA THR A 39 9.54 -0.23 -28.12
C THR A 39 10.65 -0.36 -27.06
N GLY A 40 11.69 0.47 -27.21
CA GLY A 40 12.70 0.60 -26.18
C GLY A 40 13.99 -0.14 -26.49
N SER A 41 15.02 0.11 -25.70
CA SER A 41 16.29 -0.57 -25.89
C SER A 41 16.86 -1.10 -24.58
N ARG A 42 17.41 -2.31 -24.63
CA ARG A 42 18.14 -2.88 -23.50
C ARG A 42 19.33 -1.98 -23.13
N ASP A 43 19.76 -1.13 -24.06
CA ASP A 43 20.87 -0.23 -23.79
C ASP A 43 20.50 0.92 -22.84
N VAL A 44 19.20 1.14 -22.67
CA VAL A 44 18.73 2.15 -21.70
C VAL A 44 18.54 1.49 -20.36
N VAL A 45 19.15 2.05 -19.31
CA VAL A 45 19.12 1.43 -18.00
C VAL A 45 18.29 2.27 -17.04
N VAL A 46 17.37 1.62 -16.34
CA VAL A 46 16.54 2.31 -15.36
C VAL A 46 16.77 1.69 -13.99
N GLY A 47 17.00 2.53 -12.98
CA GLY A 47 17.18 2.04 -11.63
C GLY A 47 15.88 2.08 -10.85
N VAL A 48 15.57 1.00 -10.15
CA VAL A 48 14.38 0.95 -9.29
C VAL A 48 14.82 0.83 -7.84
N ILE A 49 14.52 1.88 -7.07
CA ILE A 49 14.89 1.94 -5.65
C ILE A 49 13.63 1.63 -4.82
N ASP A 50 13.60 0.46 -4.20
CA ASP A 50 12.34 -0.06 -3.69
C ASP A 50 12.59 -1.30 -2.84
N THR A 51 11.67 -2.25 -2.87
CA THR A 51 11.82 -3.50 -2.12
C THR A 51 12.67 -4.53 -2.87
N GLY A 52 13.18 -4.15 -4.03
CA GLY A 52 13.95 -5.06 -4.87
C GLY A 52 13.32 -5.25 -6.25
N VAL A 53 13.89 -6.17 -7.01
CA VAL A 53 13.38 -6.55 -8.32
C VAL A 53 13.47 -8.06 -8.44
N ASP A 54 12.35 -8.72 -8.73
CA ASP A 54 12.42 -10.16 -8.97
C ASP A 54 12.88 -10.42 -10.41
N TYR A 55 14.19 -10.42 -10.61
CA TYR A 55 14.79 -10.59 -11.93
C TYR A 55 14.62 -12.02 -12.44
N SER A 56 14.03 -12.89 -11.62
CA SER A 56 13.78 -14.28 -12.03
C SER A 56 12.38 -14.47 -12.60
N HIS A 57 11.52 -13.47 -12.45
CA HIS A 57 10.18 -13.53 -13.01
C HIS A 57 10.24 -13.69 -14.53
N PRO A 58 9.50 -14.68 -15.06
CA PRO A 58 9.53 -14.93 -16.51
C PRO A 58 9.22 -13.70 -17.37
N ASP A 59 8.47 -12.74 -16.85
CA ASP A 59 8.15 -11.54 -17.62
C ASP A 59 9.08 -10.35 -17.32
N LEU A 60 10.11 -10.56 -16.50
CA LEU A 60 11.11 -9.51 -16.26
C LEU A 60 12.53 -9.94 -16.63
N ALA A 61 12.80 -11.25 -16.60
CA ALA A 61 14.16 -11.78 -16.74
C ALA A 61 14.91 -11.23 -17.94
N ALA A 62 14.24 -11.12 -19.08
CA ALA A 62 14.90 -10.65 -20.29
C ALA A 62 15.31 -9.18 -20.20
N ASN A 63 14.66 -8.45 -19.30
CA ASN A 63 14.94 -7.03 -19.12
C ASN A 63 15.67 -6.70 -17.81
N ALA A 64 16.24 -7.73 -17.18
CA ALA A 64 17.06 -7.49 -16.00
C ALA A 64 18.44 -7.00 -16.40
N TRP A 65 18.88 -5.91 -15.80
CA TRP A 65 20.23 -5.40 -16.04
C TRP A 65 21.27 -6.42 -15.57
N VAL A 66 22.37 -6.50 -16.33
CA VAL A 66 23.51 -7.31 -15.93
C VAL A 66 24.75 -6.42 -15.87
N ASN A 67 25.43 -6.44 -14.73
CA ASN A 67 26.64 -5.66 -14.51
C ASN A 67 27.78 -6.21 -15.34
N SER A 68 28.21 -5.45 -16.35
CA SER A 68 29.24 -5.92 -17.28
C SER A 68 30.59 -6.04 -16.58
N GLY A 69 30.71 -5.43 -15.41
CA GLY A 69 31.97 -5.41 -14.68
C GLY A 69 32.08 -6.44 -13.57
N GLU A 70 31.06 -7.27 -13.41
CA GLU A 70 31.03 -8.30 -12.39
C GLU A 70 31.10 -9.71 -12.96
N ILE A 71 32.02 -10.50 -12.40
CA ILE A 71 32.00 -11.94 -12.61
C ILE A 71 31.05 -12.53 -11.57
N ALA A 72 29.98 -13.18 -12.02
CA ALA A 72 29.00 -13.69 -11.07
C ALA A 72 29.60 -14.78 -10.20
N GLY A 73 29.25 -14.73 -8.91
CA GLY A 73 29.47 -15.84 -8.01
C GLY A 73 30.89 -16.14 -7.58
N ASP A 74 31.84 -15.25 -7.87
CA ASP A 74 33.22 -15.50 -7.48
C ASP A 74 33.57 -14.90 -6.11
N GLY A 75 32.63 -14.20 -5.49
CA GLY A 75 32.83 -13.68 -4.15
C GLY A 75 33.72 -12.45 -4.11
N ILE A 76 34.02 -11.92 -5.28
CA ILE A 76 34.89 -10.75 -5.41
C ILE A 76 34.10 -9.59 -5.99
N ASP A 77 34.35 -8.39 -5.47
CA ASP A 77 33.82 -7.15 -6.04
C ASP A 77 34.68 -6.74 -7.24
N ASN A 78 34.46 -7.36 -8.40
CA ASN A 78 35.42 -7.22 -9.53
C ASN A 78 35.53 -5.79 -10.05
N ASP A 79 34.42 -5.07 -10.05
CA ASP A 79 34.42 -3.70 -10.57
C ASP A 79 34.76 -2.65 -9.51
N GLY A 80 34.98 -3.09 -8.29
CA GLY A 80 35.40 -2.20 -7.22
C GLY A 80 34.39 -1.12 -6.91
N ASN A 81 33.11 -1.46 -6.92
CA ASN A 81 32.10 -0.46 -6.60
C ASN A 81 31.55 -0.60 -5.19
N GLY A 82 32.15 -1.49 -4.41
CA GLY A 82 31.82 -1.59 -2.99
C GLY A 82 30.88 -2.72 -2.65
N TYR A 83 30.35 -3.38 -3.68
CA TYR A 83 29.42 -4.48 -3.48
C TYR A 83 29.90 -5.73 -4.20
N ILE A 84 29.88 -6.86 -3.52
CA ILE A 84 30.33 -8.10 -4.10
C ILE A 84 29.25 -8.78 -4.94
N ASP A 85 29.60 -9.15 -6.17
CA ASP A 85 28.73 -9.98 -7.00
C ASP A 85 27.39 -9.30 -7.29
N ASP A 86 27.41 -7.98 -7.44
CA ASP A 86 26.20 -7.23 -7.78
C ASP A 86 25.89 -7.35 -9.28
N VAL A 87 25.35 -8.49 -9.65
CA VAL A 87 25.06 -8.80 -11.04
C VAL A 87 23.84 -8.04 -11.52
N HIS A 88 22.79 -8.01 -10.70
CA HIS A 88 21.53 -7.36 -11.07
C HIS A 88 21.23 -6.11 -10.25
N GLY A 89 22.12 -5.78 -9.32
CA GLY A 89 21.87 -4.69 -8.39
C GLY A 89 22.26 -5.11 -6.98
N ILE A 90 21.73 -4.43 -5.97
CA ILE A 90 22.17 -4.68 -4.61
C ILE A 90 21.04 -4.64 -3.59
N ASN A 91 21.38 -5.12 -2.39
CA ASN A 91 20.54 -4.94 -1.21
C ASN A 91 21.26 -3.95 -0.31
N ALA A 92 20.70 -2.75 -0.17
CA ALA A 92 21.35 -1.67 0.61
C ALA A 92 21.24 -1.87 2.11
N ILE A 93 20.41 -2.81 2.53
CA ILE A 93 20.29 -3.13 3.94
C ILE A 93 21.43 -4.06 4.40
N THR A 94 21.71 -5.08 3.59
CA THR A 94 22.66 -6.13 3.99
C THR A 94 23.98 -6.04 3.22
N ASP A 95 24.01 -5.18 2.21
CA ASP A 95 25.15 -5.03 1.30
C ASP A 95 25.35 -6.20 0.36
N VAL A 96 24.49 -7.21 0.43
CA VAL A 96 24.61 -8.35 -0.48
C VAL A 96 24.28 -7.87 -1.90
N GLY A 97 25.04 -8.36 -2.89
CA GLY A 97 24.85 -7.98 -4.27
C GLY A 97 23.69 -8.68 -4.95
N ASP A 98 22.51 -8.60 -4.33
CA ASP A 98 21.34 -9.32 -4.80
C ASP A 98 20.11 -8.49 -4.47
N PRO A 99 19.46 -7.91 -5.49
CA PRO A 99 18.28 -7.07 -5.24
C PRO A 99 16.99 -7.87 -5.26
N MET A 100 17.04 -9.19 -5.15
CA MET A 100 15.81 -10.00 -5.22
C MET A 100 14.70 -9.42 -4.34
N ASP A 101 13.53 -9.26 -4.93
CA ASP A 101 12.35 -8.76 -4.24
C ASP A 101 11.66 -9.88 -3.46
N ASP A 102 11.59 -9.71 -2.14
CA ASP A 102 10.90 -10.67 -1.28
C ASP A 102 9.65 -10.02 -0.67
N GLU A 103 9.20 -8.92 -1.26
CA GLU A 103 8.03 -8.19 -0.75
C GLU A 103 6.95 -8.09 -1.82
N GLY A 104 7.33 -7.59 -2.99
CA GLY A 104 6.41 -7.51 -4.13
C GLY A 104 6.34 -6.17 -4.83
N HIS A 105 6.46 -5.10 -4.05
CA HIS A 105 6.23 -3.75 -4.56
C HIS A 105 7.21 -3.37 -5.68
N GLY A 106 8.49 -3.67 -5.49
CA GLY A 106 9.50 -3.30 -6.45
C GLY A 106 9.35 -4.02 -7.77
N THR A 107 8.87 -5.26 -7.69
CA THR A 107 8.64 -6.05 -8.90
C THR A 107 7.47 -5.50 -9.67
N HIS A 108 6.46 -5.03 -8.94
CA HIS A 108 5.29 -4.44 -9.55
C HIS A 108 5.65 -3.19 -10.35
N VAL A 109 6.39 -2.27 -9.73
CA VAL A 109 6.78 -1.05 -10.44
C VAL A 109 7.71 -1.40 -11.60
N SER A 110 8.59 -2.39 -11.41
CA SER A 110 9.47 -2.83 -12.50
C SER A 110 8.70 -3.29 -13.74
N GLY A 111 7.65 -4.07 -13.53
CA GLY A 111 6.82 -4.56 -14.63
C GLY A 111 6.13 -3.45 -15.40
N THR A 112 5.77 -2.38 -14.71
CA THR A 112 5.16 -1.23 -15.38
C THR A 112 6.18 -0.50 -16.26
N ILE A 113 7.39 -0.38 -15.76
CA ILE A 113 8.48 0.19 -16.54
C ILE A 113 8.84 -0.69 -17.73
N GLY A 114 8.92 -2.00 -17.51
CA GLY A 114 9.53 -2.87 -18.51
C GLY A 114 9.28 -4.37 -18.46
N ALA A 115 8.05 -4.80 -18.16
CA ALA A 115 7.71 -6.20 -18.39
C ALA A 115 7.95 -6.52 -19.88
N SER A 116 8.52 -7.68 -20.17
CA SER A 116 8.87 -8.05 -21.55
C SER A 116 7.64 -7.98 -22.44
N GLY A 117 7.77 -7.32 -23.59
CA GLY A 117 6.63 -7.16 -24.50
C GLY A 117 6.63 -8.16 -25.64
N ASN A 118 5.45 -8.62 -26.01
CA ASN A 118 5.29 -9.54 -27.13
C ASN A 118 6.00 -10.87 -26.92
N ASN A 119 6.02 -11.35 -25.68
CA ASN A 119 6.63 -12.65 -25.43
C ASN A 119 5.58 -13.69 -25.05
N GLY A 120 4.31 -13.37 -25.30
CA GLY A 120 3.20 -14.27 -25.09
C GLY A 120 2.95 -14.65 -23.64
N VAL A 121 3.52 -13.88 -22.71
CA VAL A 121 3.26 -14.14 -21.30
C VAL A 121 2.97 -12.85 -20.53
N GLY A 122 2.04 -12.95 -19.57
CA GLY A 122 1.77 -11.84 -18.67
C GLY A 122 1.41 -10.49 -19.26
N VAL A 123 2.15 -9.47 -18.84
CA VAL A 123 1.84 -8.09 -19.19
C VAL A 123 2.91 -7.51 -20.12
N VAL A 124 3.03 -6.19 -20.16
CA VAL A 124 4.07 -5.52 -20.92
C VAL A 124 4.25 -4.14 -20.32
N GLY A 125 5.50 -3.68 -20.25
CA GLY A 125 5.77 -2.37 -19.68
C GLY A 125 5.71 -1.27 -20.72
N VAL A 126 5.92 -0.03 -20.27
CA VAL A 126 6.01 1.07 -21.23
C VAL A 126 7.11 0.76 -22.24
N ASN A 127 8.18 0.10 -21.77
CA ASN A 127 9.21 -0.45 -22.64
C ASN A 127 9.00 -1.94 -22.81
N HIS A 128 9.09 -2.43 -24.06
CA HIS A 128 9.14 -3.88 -24.29
C HIS A 128 10.52 -4.39 -23.96
N ASP A 129 11.52 -3.55 -24.21
CA ASP A 129 12.92 -3.88 -23.97
C ASP A 129 13.59 -2.71 -23.25
N VAL A 130 14.31 -3.04 -22.19
CA VAL A 130 14.99 -2.05 -21.35
C VAL A 130 15.83 -2.84 -20.36
N SER A 131 16.74 -2.20 -19.65
CA SER A 131 17.49 -2.88 -18.60
C SER A 131 17.13 -2.28 -17.25
N ILE A 132 16.70 -3.12 -16.33
CA ILE A 132 16.30 -2.64 -15.02
C ILE A 132 17.27 -3.12 -13.96
N VAL A 133 17.89 -2.18 -13.26
CA VAL A 133 18.76 -2.49 -12.12
C VAL A 133 18.05 -2.16 -10.82
N GLY A 134 18.11 -3.09 -9.86
CA GLY A 134 17.39 -2.88 -8.62
C GLY A 134 18.31 -2.51 -7.47
N CYS A 135 17.82 -1.62 -6.61
CA CYS A 135 18.43 -1.46 -5.29
C CYS A 135 17.32 -1.61 -4.25
N LYS A 136 17.47 -2.63 -3.43
CA LYS A 136 16.50 -2.96 -2.38
C LYS A 136 16.92 -2.25 -1.10
N PHE A 137 16.13 -1.26 -0.67
CA PHE A 137 16.38 -0.60 0.62
C PHE A 137 15.22 -0.83 1.58
N LEU A 138 14.15 -1.46 1.10
CA LEU A 138 13.00 -1.81 1.93
C LEU A 138 12.93 -3.33 2.09
N ALA A 139 12.83 -3.78 3.34
CA ALA A 139 12.85 -5.20 3.64
C ALA A 139 11.50 -5.86 3.38
N ALA A 140 11.46 -7.18 3.54
CA ALA A 140 10.22 -7.93 3.35
C ALA A 140 9.10 -7.42 4.25
N ASP A 141 9.47 -6.88 5.41
CA ASP A 141 8.49 -6.35 6.36
C ASP A 141 8.38 -4.83 6.31
N GLY A 142 8.88 -4.21 5.24
CA GLY A 142 8.74 -2.78 5.07
C GLY A 142 9.81 -1.93 5.74
N THR A 143 10.70 -2.57 6.48
CA THR A 143 11.74 -1.85 7.21
C THR A 143 12.72 -1.17 6.23
N GLY A 144 13.03 0.10 6.49
CA GLY A 144 14.02 0.82 5.69
C GLY A 144 14.41 2.13 6.34
N SER A 145 15.36 2.83 5.75
CA SER A 145 15.82 4.09 6.31
C SER A 145 16.21 5.07 5.20
N THR A 146 16.27 6.35 5.56
CA THR A 146 16.78 7.35 4.62
C THR A 146 18.22 7.03 4.23
N SER A 147 19.01 6.55 5.19
CA SER A 147 20.37 6.12 4.91
C SER A 147 20.41 5.06 3.83
N GLY A 148 19.49 4.11 3.90
CA GLY A 148 19.39 3.08 2.88
C GLY A 148 19.07 3.63 1.50
N ALA A 149 18.09 4.53 1.44
CA ALA A 149 17.72 5.15 0.17
C ALA A 149 18.92 5.89 -0.40
N ILE A 150 19.68 6.56 0.46
CA ILE A 150 20.88 7.26 0.00
C ILE A 150 21.94 6.30 -0.55
N LYS A 151 22.14 5.16 0.13
CA LYS A 151 23.05 4.16 -0.38
C LYS A 151 22.64 3.73 -1.78
N CYS A 152 21.34 3.59 -2.01
CA CYS A 152 20.81 3.24 -3.33
C CYS A 152 21.11 4.30 -4.38
N ILE A 153 20.81 5.55 -4.05
CA ILE A 153 21.07 6.63 -4.99
C ILE A 153 22.56 6.73 -5.32
N ASP A 154 23.40 6.69 -4.29
CA ASP A 154 24.85 6.71 -4.51
C ASP A 154 25.30 5.55 -5.41
N TYR A 155 24.71 4.37 -5.19
CA TYR A 155 25.07 3.19 -6.00
C TYR A 155 24.75 3.41 -7.46
N MET A 156 23.53 3.91 -7.71
CA MET A 156 23.08 4.17 -9.08
C MET A 156 23.94 5.25 -9.74
N VAL A 157 24.25 6.30 -9.00
CA VAL A 157 25.10 7.37 -9.54
C VAL A 157 26.48 6.82 -9.85
N GLY A 158 26.98 5.94 -8.99
CA GLY A 158 28.23 5.24 -9.25
C GLY A 158 28.22 4.49 -10.58
N LEU A 159 27.14 3.77 -10.85
CA LEU A 159 27.04 3.03 -12.11
C LEU A 159 27.10 3.99 -13.30
N LYS A 160 26.33 5.06 -13.21
CA LYS A 160 26.26 6.05 -14.29
C LYS A 160 27.63 6.70 -14.50
N ASN A 161 28.28 7.11 -13.41
CA ASN A 161 29.60 7.73 -13.54
C ASN A 161 30.61 6.78 -14.19
N ALA A 162 30.43 5.47 -13.97
CA ALA A 162 31.33 4.47 -14.54
C ALA A 162 31.03 4.17 -16.00
N GLY A 163 29.97 4.77 -16.52
CA GLY A 163 29.65 4.62 -17.94
C GLY A 163 28.41 3.80 -18.24
N VAL A 164 27.71 3.32 -17.21
CA VAL A 164 26.43 2.63 -17.42
C VAL A 164 25.41 3.65 -17.90
N ASN A 165 24.62 3.31 -18.91
CA ASN A 165 23.70 4.27 -19.51
C ASN A 165 22.42 4.42 -18.69
N LEU A 166 22.60 4.82 -17.44
CA LEU A 166 21.52 4.90 -16.47
C LEU A 166 21.18 6.36 -16.19
N ARG A 167 20.04 6.83 -16.69
CA ARG A 167 19.65 8.22 -16.55
C ARG A 167 18.26 8.42 -15.96
N VAL A 168 17.66 7.34 -15.47
CA VAL A 168 16.32 7.41 -14.87
C VAL A 168 16.26 6.57 -13.61
N LEU A 169 15.77 7.18 -12.53
CA LEU A 169 15.53 6.46 -11.29
C LEU A 169 14.05 6.51 -10.95
N ASN A 170 13.51 5.35 -10.59
CA ASN A 170 12.13 5.25 -10.14
C ASN A 170 12.08 5.18 -8.62
N ASN A 171 11.37 6.14 -8.02
CA ASN A 171 11.27 6.22 -6.57
C ASN A 171 9.83 6.21 -6.10
N SER A 172 9.25 5.01 -6.07
CA SER A 172 7.87 4.80 -5.64
C SER A 172 7.81 4.58 -4.14
N TRP A 173 8.24 5.61 -3.41
CA TRP A 173 8.31 5.55 -1.96
C TRP A 173 8.29 6.97 -1.42
N GLY A 174 8.01 7.10 -0.12
CA GLY A 174 8.05 8.41 0.50
C GLY A 174 7.96 8.28 2.01
N GLY A 175 8.26 9.35 2.72
CA GLY A 175 8.15 9.37 4.16
C GLY A 175 9.16 10.31 4.76
N GLY A 176 8.89 10.77 5.97
CA GLY A 176 9.84 11.57 6.72
C GLY A 176 9.83 13.03 6.32
N GLY A 177 10.74 13.79 6.91
CA GLY A 177 10.84 15.20 6.61
C GLY A 177 12.08 15.46 5.79
N PHE A 178 12.38 16.73 5.59
CA PHE A 178 13.55 17.12 4.81
C PHE A 178 14.85 16.56 5.38
N SER A 179 15.64 15.95 4.50
CA SER A 179 16.98 15.49 4.85
C SER A 179 18.00 16.15 3.92
N GLN A 180 18.98 16.84 4.50
CA GLN A 180 20.02 17.46 3.70
C GLN A 180 20.87 16.40 3.01
N ALA A 181 21.09 15.28 3.70
CA ALA A 181 21.86 14.18 3.12
C ALA A 181 21.17 13.63 1.88
N LEU A 182 19.86 13.49 1.95
CA LEU A 182 19.11 12.98 0.79
C LEU A 182 19.09 14.03 -0.33
N ALA A 183 18.83 15.28 0.03
CA ALA A 183 18.90 16.37 -0.96
C ALA A 183 20.25 16.34 -1.69
N ASP A 184 21.32 16.15 -0.93
CA ASP A 184 22.67 16.16 -1.48
C ASP A 184 22.91 14.96 -2.40
N ALA A 185 22.36 13.80 -2.04
CA ALA A 185 22.50 12.62 -2.88
C ALA A 185 21.77 12.87 -4.21
N ILE A 186 20.62 13.54 -4.13
CA ILE A 186 19.85 13.84 -5.33
C ILE A 186 20.58 14.87 -6.18
N THR A 187 21.20 15.85 -5.52
CA THR A 187 22.02 16.81 -6.24
C THR A 187 23.14 16.13 -7.01
N ALA A 188 23.76 15.12 -6.39
CA ALA A 188 24.82 14.39 -7.08
C ALA A 188 24.28 13.65 -8.28
N SER A 189 23.07 13.10 -8.15
CA SER A 189 22.45 12.43 -9.27
C SER A 189 22.18 13.41 -10.42
N GLU A 190 21.84 14.66 -10.08
CA GLU A 190 21.64 15.66 -11.12
C GLU A 190 22.93 15.92 -11.89
N GLN A 191 24.05 16.01 -11.18
CA GLN A 191 25.32 16.28 -11.86
C GLN A 191 25.68 15.11 -12.78
N ALA A 192 25.14 13.92 -12.49
CA ALA A 192 25.37 12.73 -13.29
C ALA A 192 24.36 12.55 -14.44
N ASP A 193 23.47 13.54 -14.59
CA ASP A 193 22.45 13.55 -15.65
C ASP A 193 21.37 12.50 -15.46
N ILE A 194 20.93 12.34 -14.21
CA ILE A 194 19.90 11.36 -13.87
C ILE A 194 18.60 12.05 -13.48
N LEU A 195 17.50 11.54 -14.03
CA LEU A 195 16.17 12.05 -13.72
C LEU A 195 15.62 11.25 -12.55
N PHE A 196 15.14 11.94 -11.52
CA PHE A 196 14.70 11.31 -10.27
C PHE A 196 13.19 11.40 -10.22
N VAL A 197 12.52 10.33 -10.61
CA VAL A 197 11.05 10.32 -10.65
C VAL A 197 10.52 9.88 -9.30
N ALA A 198 9.54 10.60 -8.76
CA ALA A 198 9.10 10.36 -7.38
C ALA A 198 7.58 10.45 -7.26
N ALA A 199 7.01 9.62 -6.39
CA ALA A 199 5.56 9.53 -6.21
C ALA A 199 5.07 10.66 -5.30
N ALA A 200 3.91 11.23 -5.63
CA ALA A 200 3.42 12.37 -4.86
C ALA A 200 2.81 11.97 -3.50
N GLY A 201 2.41 10.70 -3.37
CA GLY A 201 1.81 10.22 -2.13
C GLY A 201 0.31 9.94 -2.25
N ASN A 202 -0.22 9.12 -1.33
CA ASN A 202 -1.61 8.64 -1.46
C ASN A 202 -2.57 9.13 -0.39
N ASP A 203 -2.29 10.30 0.16
CA ASP A 203 -3.10 10.79 1.27
C ASP A 203 -4.04 11.93 0.89
N ALA A 204 -4.19 12.18 -0.41
CA ALA A 204 -5.23 13.10 -0.89
C ALA A 204 -5.19 14.47 -0.21
N VAL A 205 -3.99 15.07 -0.16
CA VAL A 205 -3.82 16.42 0.35
C VAL A 205 -2.89 17.23 -0.55
N ASP A 206 -2.86 18.53 -0.30
CA ASP A 206 -2.06 19.49 -1.06
C ASP A 206 -0.62 19.52 -0.55
N ASN A 207 0.32 19.08 -1.39
CA ASN A 207 1.73 18.99 -1.00
C ASN A 207 2.42 20.35 -0.90
N ASP A 208 1.80 21.38 -1.46
CA ASP A 208 2.35 22.73 -1.32
C ASP A 208 2.19 23.21 0.13
N GLN A 209 1.15 22.73 0.81
CA GLN A 209 0.92 23.09 2.21
C GLN A 209 1.41 22.01 3.16
N ASN A 210 1.52 20.79 2.65
CA ASN A 210 1.87 19.62 3.46
C ASN A 210 2.96 18.85 2.75
N PRO A 211 4.22 19.29 2.88
CA PRO A 211 5.32 18.67 2.11
C PRO A 211 5.47 17.17 2.35
N HIS A 212 5.80 16.46 1.27
CA HIS A 212 5.96 15.02 1.25
C HIS A 212 7.32 14.78 0.59
N TYR A 213 8.13 13.92 1.19
CA TYR A 213 9.47 13.65 0.66
C TYR A 213 9.60 12.22 0.18
N PRO A 214 10.38 11.98 -0.90
CA PRO A 214 11.24 12.97 -1.59
C PRO A 214 10.57 13.82 -2.67
N SER A 215 9.27 13.69 -2.91
CA SER A 215 8.69 14.43 -4.03
C SER A 215 8.78 15.95 -3.88
N ASN A 216 8.77 16.45 -2.64
CA ASN A 216 8.87 17.89 -2.40
C ASN A 216 10.28 18.48 -2.50
N TYR A 217 11.32 17.65 -2.66
CA TYR A 217 12.65 18.21 -2.84
C TYR A 217 12.62 19.14 -4.05
N GLU A 218 13.22 20.32 -3.92
CA GLU A 218 13.17 21.33 -4.98
C GLU A 218 14.25 21.14 -6.06
N ASN A 219 15.05 20.10 -5.91
CA ASN A 219 16.04 19.74 -6.91
C ASN A 219 15.43 19.74 -8.31
N ASP A 220 16.10 20.36 -9.27
CA ASP A 220 15.54 20.47 -10.62
C ASP A 220 15.30 19.12 -11.32
N ASN A 221 16.06 18.08 -10.95
CA ASN A 221 15.91 16.79 -11.63
C ASN A 221 14.86 15.89 -11.00
N VAL A 222 14.19 16.38 -9.96
CA VAL A 222 13.08 15.63 -9.36
C VAL A 222 11.81 15.85 -10.19
N LEU A 223 11.17 14.76 -10.60
CA LEU A 223 9.93 14.84 -11.35
C LEU A 223 8.86 14.14 -10.51
N SER A 224 7.92 14.92 -9.97
CA SER A 224 6.97 14.45 -8.97
C SER A 224 5.63 14.13 -9.61
N ILE A 225 5.11 12.94 -9.33
CA ILE A 225 4.01 12.40 -10.11
C ILE A 225 2.74 12.13 -9.29
N ALA A 226 1.63 12.74 -9.71
CA ALA A 226 0.31 12.42 -9.14
C ALA A 226 -0.30 11.27 -9.93
N SER A 227 -1.32 10.64 -9.36
CA SER A 227 -1.96 9.49 -9.98
C SER A 227 -3.29 9.88 -10.65
N THR A 228 -3.55 9.26 -11.80
CA THR A 228 -4.83 9.41 -12.50
C THR A 228 -5.51 8.06 -12.67
N ASP A 229 -6.80 8.09 -12.99
CA ASP A 229 -7.58 6.87 -13.13
C ASP A 229 -8.11 6.65 -14.55
N SER A 230 -8.90 5.61 -14.71
CA SER A 230 -9.35 5.20 -16.04
C SER A 230 -10.37 6.16 -16.67
N ARG A 231 -10.83 7.14 -15.90
CA ARG A 231 -11.70 8.19 -16.42
C ARG A 231 -10.93 9.48 -16.64
N ASP A 232 -9.60 9.41 -16.49
CA ASP A 232 -8.74 10.58 -16.53
C ASP A 232 -9.02 11.59 -15.40
N ASN A 233 -9.68 11.16 -14.32
CA ASN A 233 -9.76 11.98 -13.11
C ASN A 233 -8.40 11.94 -12.44
N MET A 234 -8.15 12.86 -11.53
CA MET A 234 -7.07 12.62 -10.58
C MET A 234 -7.59 11.55 -9.62
N SER A 235 -6.78 10.52 -9.38
CA SER A 235 -7.19 9.43 -8.52
C SER A 235 -7.63 10.00 -7.19
N SER A 236 -8.69 9.48 -6.61
CA SER A 236 -9.21 10.08 -5.38
C SER A 236 -8.19 10.11 -4.24
N PHE A 237 -7.28 9.13 -4.21
CA PHE A 237 -6.25 9.06 -3.18
C PHE A 237 -5.05 9.97 -3.43
N SER A 238 -4.91 10.50 -4.63
CA SER A 238 -3.65 11.16 -5.01
C SER A 238 -3.41 12.48 -4.28
N GLN A 239 -2.17 12.68 -3.84
CA GLN A 239 -1.75 14.00 -3.39
C GLN A 239 -1.49 14.85 -4.65
N TRP A 240 -1.39 16.16 -4.47
CA TRP A 240 -1.17 17.07 -5.60
C TRP A 240 -0.36 18.24 -5.08
N GLY A 241 -0.07 19.21 -5.95
CA GLY A 241 0.64 20.40 -5.52
C GLY A 241 0.92 21.31 -6.71
N LEU A 242 0.34 22.51 -6.70
CA LEU A 242 0.49 23.43 -7.83
C LEU A 242 1.96 23.67 -8.20
N THR A 243 2.82 23.75 -7.19
CA THR A 243 4.24 23.97 -7.45
C THR A 243 5.10 22.76 -7.11
N SER A 244 4.59 21.87 -6.26
CA SER A 244 5.40 20.77 -5.75
C SER A 244 5.14 19.42 -6.43
N VAL A 245 4.10 19.36 -7.26
CA VAL A 245 3.86 18.16 -8.09
C VAL A 245 3.78 18.60 -9.55
N ASP A 246 4.34 17.80 -10.46
CA ASP A 246 4.56 18.27 -11.82
C ASP A 246 3.50 17.85 -12.84
N MET A 247 3.04 16.61 -12.74
CA MET A 247 2.12 16.06 -13.73
C MET A 247 1.51 14.77 -13.20
N GLY A 248 0.62 14.16 -13.96
CA GLY A 248 -0.01 12.92 -13.53
C GLY A 248 0.20 11.78 -14.51
N ALA A 249 -0.03 10.56 -14.05
CA ALA A 249 0.02 9.37 -14.91
C ALA A 249 -0.84 8.28 -14.26
N PRO A 250 -1.22 7.25 -15.04
CA PRO A 250 -2.11 6.22 -14.51
C PRO A 250 -1.56 5.50 -13.26
N GLY A 251 -2.35 5.51 -12.19
CA GLY A 251 -1.96 4.82 -10.97
C GLY A 251 -3.10 4.09 -10.27
N SER A 252 -4.32 4.20 -10.81
CA SER A 252 -5.48 3.52 -10.22
C SER A 252 -5.73 2.18 -10.89
N GLY A 253 -5.61 1.10 -10.12
CA GLY A 253 -5.91 -0.24 -10.63
C GLY A 253 -4.93 -0.68 -11.70
N ILE A 254 -3.65 -0.72 -11.35
CA ILE A 254 -2.60 -1.09 -12.30
C ILE A 254 -2.15 -2.55 -12.11
N LEU A 255 -2.37 -3.36 -13.14
CA LEU A 255 -1.92 -4.75 -13.13
C LEU A 255 -0.45 -4.82 -13.52
N SER A 256 0.34 -5.58 -12.78
CA SER A 256 1.74 -5.74 -13.12
C SER A 256 2.29 -7.04 -12.53
N THR A 257 3.57 -7.27 -12.77
CA THR A 257 4.28 -8.43 -12.24
C THR A 257 4.47 -8.36 -10.72
N VAL A 258 4.31 -9.51 -10.05
CA VAL A 258 4.74 -9.68 -8.67
C VAL A 258 5.52 -11.00 -8.53
N PRO A 259 6.31 -11.15 -7.46
CA PRO A 259 7.14 -12.36 -7.33
C PRO A 259 6.35 -13.66 -7.30
N GLY A 260 7.04 -14.77 -7.53
CA GLY A 260 6.38 -16.06 -7.64
C GLY A 260 5.64 -16.21 -8.95
N ASN A 261 6.18 -15.64 -10.02
CA ASN A 261 5.62 -15.79 -11.37
C ASN A 261 4.13 -15.49 -11.40
N SER A 262 3.75 -14.38 -10.77
CA SER A 262 2.35 -14.00 -10.69
C SER A 262 2.14 -12.56 -11.12
N TYR A 263 0.89 -12.11 -11.07
CA TYR A 263 0.52 -10.76 -11.45
C TYR A 263 -0.51 -10.28 -10.45
N ALA A 264 -0.51 -8.98 -10.19
CA ALA A 264 -1.44 -8.41 -9.23
C ALA A 264 -1.76 -6.97 -9.57
N THR A 265 -2.91 -6.51 -9.09
CA THR A 265 -3.36 -5.16 -9.35
C THR A 265 -3.20 -4.32 -8.08
N TYR A 266 -2.44 -3.24 -8.18
CA TYR A 266 -2.20 -2.31 -7.08
C TYR A 266 -2.65 -0.92 -7.50
N SER A 267 -2.95 -0.07 -6.52
CA SER A 267 -3.26 1.32 -6.82
C SER A 267 -2.40 2.24 -5.97
N GLY A 268 -1.91 3.33 -6.55
CA GLY A 268 -1.18 4.32 -5.79
C GLY A 268 -0.37 5.23 -6.69
N THR A 269 0.11 6.33 -6.14
CA THR A 269 1.08 7.13 -6.88
C THR A 269 2.34 6.32 -7.18
N SER A 270 2.58 5.27 -6.39
CA SER A 270 3.68 4.34 -6.64
C SER A 270 3.56 3.63 -7.98
N MET A 271 2.33 3.52 -8.49
CA MET A 271 2.06 2.88 -9.77
C MET A 271 2.11 3.89 -10.92
N ALA A 272 1.81 5.15 -10.60
CA ALA A 272 1.89 6.22 -11.60
C ALA A 272 3.34 6.53 -11.94
N THR A 273 4.18 6.55 -10.91
CA THR A 273 5.60 6.87 -11.06
C THR A 273 6.31 6.04 -12.14
N PRO A 274 6.15 4.70 -12.13
CA PRO A 274 6.84 3.90 -13.15
C PRO A 274 6.29 4.05 -14.58
N HIS A 275 5.05 4.51 -14.76
CA HIS A 275 4.64 4.88 -16.12
C HIS A 275 5.54 6.00 -16.63
N VAL A 276 5.80 6.97 -15.75
CA VAL A 276 6.64 8.11 -16.11
C VAL A 276 8.11 7.73 -16.25
N ALA A 277 8.63 6.93 -15.32
CA ALA A 277 10.01 6.46 -15.44
C ALA A 277 10.16 5.63 -16.72
N GLY A 278 9.17 4.78 -16.99
CA GLY A 278 9.16 4.00 -18.21
C GLY A 278 9.12 4.89 -19.44
N ALA A 279 8.26 5.90 -19.42
CA ALA A 279 8.20 6.83 -20.54
C ALA A 279 9.52 7.57 -20.75
N ALA A 280 10.18 7.95 -19.65
CA ALA A 280 11.47 8.62 -19.74
C ALA A 280 12.48 7.71 -20.43
N ALA A 281 12.51 6.44 -20.03
CA ALA A 281 13.42 5.48 -20.65
C ALA A 281 13.10 5.29 -22.14
N LEU A 282 11.81 5.26 -22.48
CA LEU A 282 11.42 5.12 -23.88
C LEU A 282 11.87 6.32 -24.72
N VAL A 283 11.71 7.51 -24.17
CA VAL A 283 12.18 8.73 -24.82
C VAL A 283 13.70 8.65 -25.07
N LEU A 284 14.45 8.17 -24.09
CA LEU A 284 15.90 8.11 -24.21
C LEU A 284 16.34 7.03 -25.19
N SER A 285 15.41 6.17 -25.62
CA SER A 285 15.73 5.20 -26.68
C SER A 285 15.62 5.86 -28.05
N VAL A 286 14.98 7.03 -28.09
CA VAL A 286 14.77 7.78 -29.32
C VAL A 286 15.72 8.98 -29.43
N ASN A 287 15.95 9.66 -28.31
CA ASN A 287 16.81 10.84 -28.28
C ASN A 287 17.66 10.90 -27.02
N PRO A 288 18.86 10.30 -27.09
CA PRO A 288 19.77 10.27 -25.94
C PRO A 288 20.45 11.61 -25.67
N ASP A 289 20.24 12.60 -26.52
CA ASP A 289 20.95 13.87 -26.40
C ASP A 289 20.24 14.91 -25.53
N LEU A 290 19.07 14.55 -25.00
CA LEU A 290 18.34 15.46 -24.12
C LEU A 290 19.05 15.64 -22.79
N THR A 291 19.13 16.87 -22.29
CA THR A 291 19.58 17.10 -20.93
C THR A 291 18.49 16.57 -20.01
N THR A 292 18.82 16.37 -18.74
CA THR A 292 17.83 15.89 -17.78
C THR A 292 16.64 16.83 -17.70
N LEU A 293 16.92 18.12 -17.63
CA LEU A 293 15.87 19.12 -17.57
C LEU A 293 15.01 19.13 -18.84
N GLU A 294 15.63 18.96 -19.99
CA GLU A 294 14.86 18.88 -21.24
C GLU A 294 13.94 17.67 -21.24
N LEU A 295 14.47 16.55 -20.76
CA LEU A 295 13.69 15.32 -20.64
C LEU A 295 12.48 15.53 -19.72
N LYS A 296 12.73 16.12 -18.56
CA LYS A 296 11.68 16.37 -17.60
C LYS A 296 10.60 17.25 -18.20
N GLU A 297 11.02 18.36 -18.80
CA GLU A 297 10.07 19.34 -19.34
C GLU A 297 9.31 18.76 -20.52
N LEU A 298 9.97 17.90 -21.28
CA LEU A 298 9.33 17.25 -22.41
C LEU A 298 8.21 16.32 -21.96
N LEU A 299 8.46 15.54 -20.92
CA LEU A 299 7.44 14.66 -20.37
C LEU A 299 6.24 15.47 -19.89
N MET A 300 6.53 16.60 -19.24
CA MET A 300 5.47 17.48 -18.75
C MET A 300 4.68 18.14 -19.90
N SER A 301 5.40 18.72 -20.84
CA SER A 301 4.74 19.53 -21.87
C SER A 301 4.03 18.68 -22.92
N SER A 302 4.50 17.45 -23.13
CA SER A 302 3.91 16.59 -24.16
C SER A 302 2.66 15.86 -23.69
N GLY A 303 2.36 15.93 -22.40
CA GLY A 303 1.20 15.25 -21.85
C GLY A 303 -0.10 15.88 -22.33
N ASP A 304 -1.20 15.15 -22.19
CA ASP A 304 -2.52 15.67 -22.55
C ASP A 304 -3.03 16.62 -21.47
N ALA A 305 -3.55 17.77 -21.89
CA ALA A 305 -4.16 18.69 -20.95
C ALA A 305 -5.22 17.94 -20.16
N ASN A 306 -5.22 18.14 -18.85
CA ASN A 306 -6.11 17.39 -17.98
C ASN A 306 -6.86 18.32 -17.03
N ALA A 307 -8.18 18.32 -17.12
CA ALA A 307 -9.01 19.23 -16.32
C ALA A 307 -8.77 19.05 -14.82
N ALA A 308 -8.64 17.81 -14.37
CA ALA A 308 -8.47 17.51 -12.95
C ALA A 308 -7.10 17.95 -12.42
N LEU A 309 -6.08 17.83 -13.26
CA LEU A 309 -4.72 18.16 -12.84
C LEU A 309 -4.39 19.65 -13.02
N ASN A 310 -5.21 20.33 -13.81
CA ASN A 310 -5.03 21.76 -14.01
C ASN A 310 -5.21 22.54 -12.71
N GLY A 311 -4.21 23.35 -12.37
CA GLY A 311 -4.25 24.13 -11.15
C GLY A 311 -3.83 23.34 -9.93
N LYS A 312 -3.57 22.05 -10.12
CA LYS A 312 -3.15 21.19 -9.02
C LYS A 312 -1.77 20.57 -9.24
N THR A 313 -1.14 20.94 -10.35
CA THR A 313 0.20 20.48 -10.70
C THR A 313 0.83 21.57 -11.54
N VAL A 314 2.15 21.52 -11.75
CA VAL A 314 2.78 22.56 -12.55
C VAL A 314 2.25 22.53 -13.98
N ALA A 315 2.30 21.36 -14.60
CA ALA A 315 1.99 21.24 -16.03
C ALA A 315 0.51 21.05 -16.32
N GLY A 316 -0.23 20.52 -15.36
CA GLY A 316 -1.64 20.23 -15.56
C GLY A 316 -1.89 19.20 -16.65
N THR A 317 -0.90 18.33 -16.89
CA THR A 317 -1.03 17.33 -17.92
C THR A 317 -0.94 15.90 -17.38
N ARG A 318 -1.50 14.98 -18.14
CA ARG A 318 -1.40 13.56 -17.88
C ARG A 318 -0.49 12.95 -18.93
N LEU A 319 0.45 12.11 -18.49
CA LEU A 319 1.45 11.50 -19.37
C LEU A 319 0.91 11.02 -20.71
N ASN A 320 1.62 11.38 -21.79
CA ASN A 320 1.34 10.79 -23.09
C ASN A 320 2.65 10.45 -23.76
N VAL A 321 2.98 9.16 -23.79
CA VAL A 321 4.30 8.75 -24.23
C VAL A 321 4.43 8.80 -25.75
N ASN A 322 3.31 8.66 -26.45
CA ASN A 322 3.34 8.84 -27.89
C ASN A 322 3.79 10.26 -28.22
N GLN A 323 3.13 11.24 -27.64
CA GLN A 323 3.49 12.63 -27.90
C GLN A 323 4.90 12.95 -27.42
N ALA A 324 5.33 12.30 -26.35
CA ALA A 324 6.68 12.52 -25.85
C ALA A 324 7.71 12.08 -26.90
N LEU A 325 7.49 10.90 -27.49
CA LEU A 325 8.39 10.39 -28.52
C LEU A 325 8.38 11.28 -29.75
N ILE A 326 7.19 11.72 -30.14
CA ILE A 326 7.07 12.64 -31.28
C ILE A 326 7.82 13.94 -31.01
N ASP A 327 7.60 14.52 -29.84
CA ASP A 327 8.24 15.78 -29.48
C ASP A 327 9.75 15.64 -29.30
N ALA A 328 10.22 14.41 -29.08
CA ALA A 328 11.64 14.16 -28.84
C ALA A 328 12.47 14.09 -30.12
N ASP A 329 11.82 14.18 -31.27
CA ASP A 329 12.54 14.24 -32.55
C ASP A 329 13.47 13.01 -32.74
N PRO A 330 14.80 13.20 -32.92
CA PRO A 330 15.69 14.37 -33.02
C PRO A 330 15.85 14.86 -34.47
N SER B 2 2.78 -26.23 16.82
CA SER B 2 2.33 -24.83 16.78
C SER B 2 1.06 -24.67 17.60
N ALA B 3 0.73 -23.43 17.93
CA ALA B 3 -0.40 -23.12 18.80
C ALA B 3 -1.74 -23.56 18.22
N THR B 4 -1.83 -23.57 16.89
CA THR B 4 -3.02 -24.06 16.19
C THR B 4 -2.57 -24.94 15.04
N ASN B 5 -3.51 -25.63 14.40
CA ASN B 5 -3.19 -26.50 13.27
C ASN B 5 -3.25 -25.79 11.92
N ASP B 6 -3.41 -24.47 11.95
CA ASP B 6 -3.38 -23.70 10.73
C ASP B 6 -1.96 -23.73 10.15
N PRO B 7 -1.81 -24.21 8.91
CA PRO B 7 -0.49 -24.49 8.32
C PRO B 7 0.45 -23.28 8.26
N ARG B 8 -0.10 -22.07 8.14
CA ARG B 8 0.75 -20.89 8.04
C ARG B 8 0.95 -20.21 9.39
N PHE B 9 0.56 -20.86 10.48
CA PHE B 9 0.62 -20.22 11.79
C PHE B 9 1.99 -19.64 12.13
N ASP B 10 3.04 -20.40 11.83
CA ASP B 10 4.40 -19.98 12.22
C ASP B 10 4.87 -18.70 11.52
N ASP B 11 4.17 -18.28 10.46
CA ASP B 11 4.51 -17.05 9.76
C ASP B 11 3.92 -15.83 10.46
N LEU B 12 3.02 -16.07 11.40
CA LEU B 12 2.26 -15.01 12.05
C LEU B 12 2.98 -14.53 13.31
N TRP B 13 4.13 -13.88 13.13
CA TRP B 13 4.92 -13.41 14.27
C TRP B 13 4.14 -12.49 15.19
N GLY B 14 3.19 -11.72 14.65
CA GLY B 14 2.43 -10.78 15.45
C GLY B 14 1.62 -11.46 16.54
N LEU B 15 1.14 -12.66 16.25
CA LEU B 15 0.37 -13.45 17.21
C LEU B 15 1.28 -14.20 18.17
N ASN B 16 2.37 -14.75 17.64
CA ASN B 16 3.33 -15.52 18.43
C ASN B 16 4.71 -15.41 17.80
N ASN B 17 5.64 -14.80 18.51
CA ASN B 17 6.97 -14.54 17.97
C ASN B 17 7.98 -15.26 18.83
N GLU B 18 8.72 -16.19 18.23
CA GLU B 18 9.81 -16.89 18.90
C GLU B 18 11.11 -16.61 18.15
N GLY B 19 11.11 -15.52 17.40
CA GLY B 19 12.27 -15.13 16.61
C GLY B 19 12.33 -15.78 15.25
N GLN B 20 11.25 -16.47 14.87
CA GLN B 20 11.29 -17.31 13.67
C GLN B 20 11.24 -16.53 12.37
N THR B 21 10.93 -15.24 12.43
CA THR B 21 10.97 -14.40 11.25
C THR B 21 12.17 -13.47 11.25
N GLY B 22 13.11 -13.72 12.15
CA GLY B 22 14.35 -12.95 12.23
C GLY B 22 14.33 -11.85 13.26
N GLY B 23 13.24 -11.76 14.01
CA GLY B 23 13.08 -10.74 15.03
C GLY B 23 13.38 -11.20 16.44
N THR B 24 12.72 -10.57 17.40
CA THR B 24 12.99 -10.78 18.82
C THR B 24 11.92 -11.63 19.47
N ALA B 25 12.33 -12.69 20.15
CA ALA B 25 11.38 -13.57 20.83
C ALA B 25 10.48 -12.75 21.76
N ASP B 26 9.17 -13.03 21.70
CA ASP B 26 8.16 -12.38 22.54
C ASP B 26 7.77 -10.97 22.14
N ALA B 27 8.22 -10.50 20.97
CA ALA B 27 7.70 -9.26 20.42
C ALA B 27 6.43 -9.64 19.66
N ASP B 28 5.33 -9.74 20.40
CA ASP B 28 4.05 -10.22 19.87
C ASP B 28 2.95 -9.87 20.86
N ILE B 29 1.70 -10.20 20.51
CA ILE B 29 0.57 -9.81 21.34
C ILE B 29 0.12 -10.90 22.32
N ASP B 30 0.90 -11.97 22.40
CA ASP B 30 0.63 -13.12 23.29
C ASP B 30 -0.73 -13.78 22.98
N ALA B 31 -1.00 -14.02 21.70
CA ALA B 31 -2.27 -14.60 21.28
C ALA B 31 -2.53 -16.02 21.81
N PRO B 32 -1.55 -16.94 21.66
CA PRO B 32 -1.78 -18.29 22.19
C PRO B 32 -2.13 -18.28 23.69
N GLU B 33 -1.49 -17.40 24.45
CA GLU B 33 -1.80 -17.25 25.86
C GLU B 33 -3.25 -16.78 26.06
N ALA B 34 -3.63 -15.73 25.32
CA ALA B 34 -4.99 -15.23 25.38
C ALA B 34 -6.02 -16.32 25.03
N TRP B 35 -5.68 -17.18 24.09
CA TRP B 35 -6.62 -18.20 23.60
C TRP B 35 -6.94 -19.26 24.65
N SER B 36 -6.12 -19.34 25.69
CA SER B 36 -6.41 -20.24 26.80
C SER B 36 -7.58 -19.68 27.60
N ILE B 37 -7.89 -18.40 27.39
CA ILE B 37 -9.02 -17.76 28.04
C ILE B 37 -10.24 -17.70 27.12
N SER B 38 -10.01 -17.24 25.89
CA SER B 38 -11.09 -17.17 24.90
C SER B 38 -10.54 -17.16 23.49
N THR B 39 -11.24 -17.84 22.57
CA THR B 39 -10.87 -17.81 21.17
C THR B 39 -11.89 -17.02 20.35
N GLY B 40 -12.81 -16.35 21.05
CA GLY B 40 -13.76 -15.44 20.41
C GLY B 40 -15.18 -15.98 20.31
N SER B 41 -16.13 -15.11 19.98
CA SER B 41 -17.52 -15.51 19.79
C SER B 41 -18.10 -14.94 18.51
N ARG B 42 -18.86 -15.74 17.78
CA ARG B 42 -19.57 -15.28 16.60
C ARG B 42 -20.64 -14.26 16.97
N ASP B 43 -20.94 -14.13 18.26
CA ASP B 43 -21.93 -13.14 18.69
C ASP B 43 -21.36 -11.73 18.80
N VAL B 44 -20.03 -11.62 18.70
CA VAL B 44 -19.38 -10.32 18.63
C VAL B 44 -19.21 -9.99 17.14
N VAL B 45 -19.72 -8.83 16.73
CA VAL B 45 -19.70 -8.43 15.33
C VAL B 45 -18.73 -7.25 15.13
N VAL B 46 -17.86 -7.42 14.14
CA VAL B 46 -16.86 -6.42 13.81
C VAL B 46 -17.12 -5.95 12.38
N GLY B 47 -17.19 -4.64 12.18
CA GLY B 47 -17.36 -4.11 10.84
C GLY B 47 -16.03 -3.69 10.26
N VAL B 48 -15.82 -4.02 8.99
CA VAL B 48 -14.62 -3.64 8.26
C VAL B 48 -14.99 -2.71 7.12
N ILE B 49 -14.52 -1.46 7.23
CA ILE B 49 -14.82 -0.43 6.24
C ILE B 49 -13.58 -0.26 5.38
N ASP B 50 -13.66 -0.68 4.12
CA ASP B 50 -12.44 -0.87 3.33
C ASP B 50 -12.82 -1.18 1.88
N THR B 51 -12.02 -2.01 1.21
CA THR B 51 -12.30 -2.42 -0.17
C THR B 51 -13.32 -3.57 -0.25
N GLY B 52 -13.84 -3.98 0.90
CA GLY B 52 -14.79 -5.07 0.97
C GLY B 52 -14.25 -6.24 1.76
N VAL B 53 -14.97 -7.36 1.74
CA VAL B 53 -14.54 -8.57 2.43
C VAL B 53 -14.83 -9.77 1.52
N ASP B 54 -13.81 -10.57 1.22
CA ASP B 54 -14.07 -11.80 0.46
C ASP B 54 -14.64 -12.88 1.39
N TYR B 55 -15.96 -12.82 1.59
CA TYR B 55 -16.65 -13.74 2.49
C TYR B 55 -16.70 -15.17 1.94
N SER B 56 -16.23 -15.36 0.72
CA SER B 56 -16.17 -16.68 0.10
C SER B 56 -14.81 -17.34 0.33
N HIS B 57 -13.87 -16.60 0.89
CA HIS B 57 -12.54 -17.17 1.15
C HIS B 57 -12.71 -18.34 2.12
N PRO B 58 -12.11 -19.50 1.79
CA PRO B 58 -12.23 -20.67 2.68
C PRO B 58 -11.80 -20.41 4.13
N ASP B 59 -10.91 -19.45 4.36
CA ASP B 59 -10.46 -19.18 5.74
C ASP B 59 -11.18 -17.99 6.36
N LEU B 60 -12.17 -17.44 5.66
CA LEU B 60 -13.01 -16.39 6.23
C LEU B 60 -14.50 -16.75 6.30
N ALA B 61 -14.94 -17.66 5.44
CA ALA B 61 -16.38 -17.93 5.29
C ALA B 61 -17.09 -18.25 6.60
N ALA B 62 -16.46 -19.05 7.46
CA ALA B 62 -17.10 -19.46 8.71
C ALA B 62 -17.34 -18.29 9.65
N ASN B 63 -16.62 -17.20 9.43
CA ASN B 63 -16.72 -16.02 10.29
C ASN B 63 -17.34 -14.82 9.59
N ALA B 64 -17.89 -15.01 8.40
CA ALA B 64 -18.59 -13.93 7.71
C ALA B 64 -19.93 -13.68 8.40
N TRP B 65 -20.23 -12.42 8.71
CA TRP B 65 -21.52 -12.08 9.29
C TRP B 65 -22.62 -12.37 8.29
N VAL B 66 -23.75 -12.88 8.78
CA VAL B 66 -24.92 -13.05 7.95
C VAL B 66 -26.07 -12.28 8.58
N ASN B 67 -26.66 -11.38 7.79
CA ASN B 67 -27.77 -10.54 8.23
C ASN B 67 -29.02 -11.38 8.46
N SER B 68 -29.36 -11.62 9.73
CA SER B 68 -30.48 -12.49 10.08
C SER B 68 -31.82 -11.93 9.62
N GLY B 69 -31.81 -10.65 9.28
CA GLY B 69 -33.02 -9.96 8.90
C GLY B 69 -33.28 -9.91 7.41
N GLU B 70 -32.32 -10.43 6.63
CA GLU B 70 -32.45 -10.48 5.18
C GLU B 70 -32.72 -11.89 4.65
N ILE B 71 -33.69 -11.98 3.76
CA ILE B 71 -33.83 -13.15 2.92
C ILE B 71 -32.93 -12.93 1.71
N ALA B 72 -31.97 -13.80 1.50
CA ALA B 72 -31.03 -13.61 0.41
C ALA B 72 -31.71 -13.71 -0.95
N GLY B 73 -31.30 -12.85 -1.88
CA GLY B 73 -31.66 -12.98 -3.28
C GLY B 73 -33.12 -12.77 -3.66
N ASP B 74 -33.92 -12.18 -2.79
CA ASP B 74 -35.33 -11.95 -3.14
C ASP B 74 -35.62 -10.53 -3.67
N GLY B 75 -34.58 -9.70 -3.76
CA GLY B 75 -34.73 -8.36 -4.32
C GLY B 75 -35.46 -7.41 -3.38
N ILE B 76 -35.70 -7.86 -2.16
CA ILE B 76 -36.41 -7.07 -1.15
C ILE B 76 -35.50 -6.71 0.02
N ASP B 77 -35.63 -5.48 0.50
CA ASP B 77 -34.94 -5.02 1.71
C ASP B 77 -35.73 -5.48 2.95
N ASN B 78 -35.61 -6.75 3.33
CA ASN B 78 -36.56 -7.33 4.31
C ASN B 78 -36.46 -6.68 5.68
N ASP B 79 -35.26 -6.29 6.06
CA ASP B 79 -35.05 -5.67 7.37
C ASP B 79 -35.23 -4.15 7.37
N GLY B 80 -35.52 -3.58 6.20
CA GLY B 80 -35.80 -2.16 6.11
C GLY B 80 -34.65 -1.28 6.58
N ASN B 81 -33.42 -1.63 6.18
CA ASN B 81 -32.29 -0.78 6.54
C ASN B 81 -31.77 0.06 5.37
N GLY B 82 -32.50 0.05 4.25
CA GLY B 82 -32.16 0.89 3.11
C GLY B 82 -31.31 0.24 2.04
N TYR B 83 -30.93 -1.02 2.28
CA TYR B 83 -30.09 -1.75 1.33
C TYR B 83 -30.74 -3.10 1.00
N ILE B 84 -30.79 -3.44 -0.28
CA ILE B 84 -31.44 -4.67 -0.70
C ILE B 84 -30.48 -5.85 -0.65
N ASP B 85 -30.92 -6.93 0.01
CA ASP B 85 -30.18 -8.19 0.00
C ASP B 85 -28.78 -8.05 0.59
N ASP B 86 -28.64 -7.21 1.62
CA ASP B 86 -27.34 -7.05 2.28
C ASP B 86 -27.07 -8.21 3.26
N VAL B 87 -26.72 -9.35 2.71
CA VAL B 87 -26.49 -10.56 3.50
C VAL B 87 -25.18 -10.49 4.31
N HIS B 88 -24.11 -10.06 3.67
CA HIS B 88 -22.80 -9.96 4.34
C HIS B 88 -22.33 -8.53 4.57
N GLY B 89 -23.14 -7.56 4.14
CA GLY B 89 -22.77 -6.16 4.19
C GLY B 89 -23.16 -5.48 2.89
N ILE B 90 -22.52 -4.35 2.59
CA ILE B 90 -22.91 -3.56 1.43
C ILE B 90 -21.74 -3.01 0.65
N ASN B 91 -22.04 -2.55 -0.55
CA ASN B 91 -21.14 -1.74 -1.36
C ASN B 91 -21.68 -0.32 -1.34
N ALA B 92 -20.95 0.60 -0.68
CA ALA B 92 -21.38 1.98 -0.49
C ALA B 92 -21.23 2.83 -1.74
N ILE B 93 -20.53 2.29 -2.73
CA ILE B 93 -20.37 3.00 -3.99
C ILE B 93 -21.61 2.83 -4.85
N THR B 94 -22.09 1.59 -4.92
CA THR B 94 -23.18 1.23 -5.82
C THR B 94 -24.50 0.93 -5.10
N ASP B 95 -24.44 0.84 -3.77
CA ASP B 95 -25.61 0.54 -2.92
C ASP B 95 -26.07 -0.92 -3.02
N VAL B 96 -25.34 -1.72 -3.79
CA VAL B 96 -25.66 -3.14 -3.89
C VAL B 96 -25.30 -3.81 -2.56
N GLY B 97 -26.12 -4.77 -2.13
CA GLY B 97 -25.91 -5.42 -0.85
C GLY B 97 -24.90 -6.54 -0.90
N ASP B 98 -23.69 -6.22 -1.40
CA ASP B 98 -22.66 -7.22 -1.58
C ASP B 98 -21.31 -6.55 -1.37
N PRO B 99 -20.63 -6.88 -0.26
CA PRO B 99 -19.35 -6.21 0.03
C PRO B 99 -18.16 -6.98 -0.52
N MET B 100 -18.37 -7.85 -1.51
CA MET B 100 -17.26 -8.67 -2.03
C MET B 100 -16.03 -7.82 -2.33
N ASP B 101 -14.89 -8.24 -1.79
CA ASP B 101 -13.60 -7.61 -2.05
C ASP B 101 -13.04 -7.99 -3.41
N ASP B 102 -12.89 -7.00 -4.30
CA ASP B 102 -12.28 -7.23 -5.60
C ASP B 102 -10.92 -6.52 -5.70
N GLU B 103 -10.37 -6.15 -4.54
CA GLU B 103 -9.09 -5.43 -4.50
C GLU B 103 -8.07 -6.22 -3.68
N GLY B 104 -8.45 -6.58 -2.46
CA GLY B 104 -7.65 -7.44 -1.61
C GLY B 104 -7.40 -6.91 -0.21
N HIS B 105 -7.33 -5.58 -0.09
CA HIS B 105 -6.96 -4.95 1.17
C HIS B 105 -7.93 -5.31 2.31
N GLY B 106 -9.22 -5.22 2.03
CA GLY B 106 -10.22 -5.47 3.06
C GLY B 106 -10.22 -6.90 3.54
N THR B 107 -9.94 -7.83 2.64
CA THR B 107 -9.85 -9.24 2.97
C THR B 107 -8.63 -9.49 3.85
N HIS B 108 -7.53 -8.79 3.54
CA HIS B 108 -6.31 -8.95 4.31
C HIS B 108 -6.55 -8.52 5.75
N VAL B 109 -7.13 -7.34 5.96
CA VAL B 109 -7.37 -6.92 7.33
C VAL B 109 -8.42 -7.81 8.02
N SER B 110 -9.40 -8.30 7.28
CA SER B 110 -10.39 -9.20 7.85
C SER B 110 -9.74 -10.49 8.41
N GLY B 111 -8.77 -11.02 7.67
CA GLY B 111 -8.06 -12.22 8.09
C GLY B 111 -7.29 -12.04 9.39
N THR B 112 -6.74 -10.85 9.58
CA THR B 112 -6.03 -10.55 10.82
C THR B 112 -7.01 -10.49 11.99
N ILE B 113 -8.18 -9.91 11.75
CA ILE B 113 -9.23 -9.88 12.78
C ILE B 113 -9.76 -11.28 13.12
N GLY B 114 -10.06 -12.08 12.09
CA GLY B 114 -10.83 -13.29 12.30
C GLY B 114 -10.76 -14.39 11.25
N ALA B 115 -9.58 -14.64 10.68
CA ALA B 115 -9.46 -15.85 9.87
C ALA B 115 -9.75 -17.07 10.76
N SER B 116 -10.51 -18.02 10.25
CA SER B 116 -10.93 -19.18 11.03
C SER B 116 -9.75 -19.88 11.67
N GLY B 117 -9.84 -20.16 12.96
CA GLY B 117 -8.74 -20.80 13.67
C GLY B 117 -8.90 -22.30 13.81
N ASN B 118 -7.78 -23.02 13.74
CA ASN B 118 -7.77 -24.47 13.97
C ASN B 118 -8.63 -25.23 12.98
N ASN B 119 -8.73 -24.72 11.76
CA ASN B 119 -9.48 -25.40 10.71
C ASN B 119 -8.56 -26.06 9.69
N GLY B 120 -7.28 -26.15 10.03
CA GLY B 120 -6.29 -26.80 9.18
C GLY B 120 -6.05 -26.14 7.84
N VAL B 121 -6.42 -24.87 7.74
CA VAL B 121 -6.32 -24.13 6.49
C VAL B 121 -5.69 -22.76 6.77
N GLY B 122 -4.76 -22.33 5.93
CA GLY B 122 -4.26 -20.95 5.96
C GLY B 122 -3.74 -20.41 7.28
N VAL B 123 -4.31 -19.28 7.69
CA VAL B 123 -3.84 -18.53 8.87
C VAL B 123 -4.89 -18.58 10.00
N VAL B 124 -4.86 -17.61 10.90
CA VAL B 124 -5.84 -17.52 11.98
C VAL B 124 -5.83 -16.09 12.49
N GLY B 125 -7.01 -15.57 12.83
CA GLY B 125 -7.08 -14.20 13.33
C GLY B 125 -6.85 -14.08 14.81
N VAL B 126 -6.85 -12.85 15.32
CA VAL B 126 -6.85 -12.66 16.77
C VAL B 126 -8.00 -13.43 17.37
N ASN B 127 -9.11 -13.49 16.63
CA ASN B 127 -10.27 -14.34 16.97
C ASN B 127 -10.30 -15.56 16.07
N HIS B 128 -10.49 -16.74 16.67
CA HIS B 128 -10.76 -17.93 15.86
C HIS B 128 -12.19 -17.88 15.37
N ASP B 129 -13.08 -17.37 16.21
CA ASP B 129 -14.50 -17.26 15.90
C ASP B 129 -14.96 -15.84 16.19
N VAL B 130 -15.64 -15.24 15.21
CA VAL B 130 -16.11 -13.86 15.33
C VAL B 130 -17.00 -13.63 14.11
N SER B 131 -17.77 -12.55 14.09
CA SER B 131 -18.60 -12.24 12.93
C SER B 131 -18.11 -10.95 12.29
N ILE B 132 -17.81 -11.00 10.98
CA ILE B 132 -17.24 -9.87 10.28
C ILE B 132 -18.19 -9.40 9.18
N VAL B 133 -18.60 -8.14 9.27
CA VAL B 133 -19.48 -7.55 8.28
C VAL B 133 -18.69 -6.52 7.50
N GLY B 134 -18.91 -6.48 6.19
CA GLY B 134 -18.11 -5.62 5.33
C GLY B 134 -18.90 -4.44 4.80
N CYS B 135 -18.23 -3.30 4.68
CA CYS B 135 -18.75 -2.20 3.89
C CYS B 135 -17.65 -1.74 2.95
N LYS B 136 -17.91 -1.88 1.66
CA LYS B 136 -16.94 -1.55 0.63
C LYS B 136 -17.16 -0.11 0.16
N PHE B 137 -16.22 0.78 0.49
CA PHE B 137 -16.30 2.15 -0.02
C PHE B 137 -15.14 2.45 -0.96
N LEU B 138 -14.18 1.53 -1.06
CA LEU B 138 -13.05 1.70 -1.97
C LEU B 138 -13.18 0.70 -3.10
N ALA B 139 -13.09 1.20 -4.33
CA ALA B 139 -13.26 0.36 -5.51
C ALA B 139 -12.00 -0.45 -5.82
N ALA B 140 -12.12 -1.35 -6.79
CA ALA B 140 -11.00 -2.16 -7.25
C ALA B 140 -9.78 -1.31 -7.64
N ASP B 141 -10.03 -0.10 -8.13
CA ASP B 141 -8.94 0.78 -8.55
C ASP B 141 -8.64 1.84 -7.51
N GLY B 142 -9.10 1.63 -6.28
CA GLY B 142 -8.83 2.54 -5.19
C GLY B 142 -9.72 3.76 -5.08
N THR B 143 -10.68 3.91 -5.99
CA THR B 143 -11.58 5.06 -5.97
C THR B 143 -12.49 5.04 -4.74
N GLY B 144 -12.62 6.17 -4.09
CA GLY B 144 -13.50 6.28 -2.93
C GLY B 144 -13.73 7.73 -2.56
N SER B 145 -14.60 7.96 -1.58
CA SER B 145 -14.89 9.32 -1.15
C SER B 145 -15.27 9.36 0.32
N THR B 146 -15.18 10.55 0.88
CA THR B 146 -15.65 10.78 2.25
C THR B 146 -17.13 10.41 2.38
N SER B 147 -17.94 10.76 1.37
CA SER B 147 -19.35 10.39 1.36
C SER B 147 -19.53 8.87 1.52
N GLY B 148 -18.69 8.12 0.83
CA GLY B 148 -18.74 6.66 0.90
C GLY B 148 -18.39 6.16 2.29
N ALA B 149 -17.35 6.73 2.88
CA ALA B 149 -16.95 6.33 4.23
C ALA B 149 -18.07 6.61 5.21
N ILE B 150 -18.71 7.77 5.05
CA ILE B 150 -19.81 8.13 5.94
C ILE B 150 -20.99 7.17 5.75
N LYS B 151 -21.28 6.82 4.51
CA LYS B 151 -22.35 5.85 4.24
C LYS B 151 -22.06 4.52 4.96
N CYS B 152 -20.80 4.10 4.95
CA CYS B 152 -20.40 2.88 5.65
C CYS B 152 -20.57 2.99 7.17
N ILE B 153 -20.10 4.09 7.73
CA ILE B 153 -20.24 4.28 9.17
C ILE B 153 -21.71 4.30 9.56
N ASP B 154 -22.52 5.09 8.84
CA ASP B 154 -23.96 5.14 9.06
C ASP B 154 -24.61 3.75 8.97
N TYR B 155 -24.18 2.95 8.00
CA TYR B 155 -24.69 1.58 7.82
C TYR B 155 -24.40 0.73 9.05
N MET B 156 -23.18 0.80 9.54
CA MET B 156 -22.76 -0.01 10.68
C MET B 156 -23.49 0.44 11.95
N VAL B 157 -23.61 1.75 12.10
CA VAL B 157 -24.32 2.31 13.24
C VAL B 157 -25.79 1.89 13.16
N GLY B 158 -26.32 1.84 11.94
CA GLY B 158 -27.68 1.37 11.73
C GLY B 158 -27.89 -0.07 12.19
N LEU B 159 -26.94 -0.95 11.90
CA LEU B 159 -27.00 -2.32 12.37
C LEU B 159 -27.01 -2.39 13.89
N LYS B 160 -26.09 -1.65 14.51
CA LYS B 160 -25.99 -1.62 15.97
C LYS B 160 -27.29 -1.11 16.58
N ASN B 161 -27.84 -0.04 16.02
CA ASN B 161 -29.07 0.50 16.58
C ASN B 161 -30.27 -0.41 16.34
N ALA B 162 -30.15 -1.31 15.37
CA ALA B 162 -31.20 -2.28 15.08
C ALA B 162 -31.09 -3.53 15.95
N GLY B 163 -30.06 -3.60 16.78
CA GLY B 163 -29.90 -4.73 17.69
C GLY B 163 -28.74 -5.67 17.37
N VAL B 164 -28.04 -5.43 16.26
CA VAL B 164 -26.85 -6.22 15.95
C VAL B 164 -25.75 -5.87 16.96
N ASN B 165 -25.01 -6.88 17.46
CA ASN B 165 -23.99 -6.63 18.48
C ASN B 165 -22.66 -6.17 17.87
N LEU B 166 -22.74 -5.09 17.12
CA LEU B 166 -21.60 -4.54 16.39
C LEU B 166 -20.94 -3.48 17.26
N ARG B 167 -19.77 -3.80 17.79
CA ARG B 167 -19.14 -2.98 18.82
C ARG B 167 -17.79 -2.42 18.39
N VAL B 168 -17.30 -2.86 17.24
CA VAL B 168 -15.96 -2.52 16.79
C VAL B 168 -15.96 -2.27 15.30
N LEU B 169 -15.33 -1.17 14.88
CA LEU B 169 -15.09 -0.89 13.46
C LEU B 169 -13.60 -0.83 13.16
N ASN B 170 -13.21 -1.49 12.08
CA ASN B 170 -11.82 -1.45 11.62
C ASN B 170 -11.71 -0.48 10.45
N ASN B 171 -10.88 0.55 10.60
CA ASN B 171 -10.68 1.55 9.56
C ASN B 171 -9.22 1.66 9.16
N SER B 172 -8.79 0.73 8.31
CA SER B 172 -7.43 0.68 7.81
C SER B 172 -7.32 1.50 6.54
N TRP B 173 -7.58 2.80 6.68
CA TRP B 173 -7.56 3.71 5.55
C TRP B 173 -7.36 5.13 6.09
N GLY B 174 -7.03 6.06 5.20
CA GLY B 174 -6.87 7.44 5.62
C GLY B 174 -6.66 8.30 4.40
N GLY B 175 -6.73 9.62 4.62
CA GLY B 175 -6.49 10.58 3.56
C GLY B 175 -7.52 11.67 3.59
N GLY B 176 -7.20 12.80 2.99
CA GLY B 176 -8.13 13.92 2.92
C GLY B 176 -8.02 14.85 4.10
N GLY B 177 -8.69 15.99 4.03
CA GLY B 177 -8.67 16.92 5.13
C GLY B 177 -9.80 16.60 6.08
N PHE B 178 -9.89 17.36 7.16
CA PHE B 178 -10.96 17.24 8.14
C PHE B 178 -12.33 17.36 7.49
N SER B 179 -13.25 16.49 7.92
CA SER B 179 -14.64 16.57 7.50
C SER B 179 -15.53 16.62 8.73
N GLN B 180 -16.28 17.71 8.92
CA GLN B 180 -17.19 17.77 10.07
C GLN B 180 -18.27 16.70 9.97
N ALA B 181 -18.71 16.42 8.73
CA ALA B 181 -19.73 15.40 8.51
C ALA B 181 -19.20 14.02 8.90
N LEU B 182 -17.92 13.76 8.61
CA LEU B 182 -17.32 12.49 9.03
C LEU B 182 -17.15 12.43 10.54
N ALA B 183 -16.68 13.53 11.14
CA ALA B 183 -16.60 13.62 12.59
C ALA B 183 -17.95 13.33 13.24
N ASP B 184 -19.01 13.91 12.67
CA ASP B 184 -20.38 13.69 13.16
C ASP B 184 -20.83 12.23 13.02
N ALA B 185 -20.45 11.58 11.92
CA ALA B 185 -20.76 10.17 11.74
C ALA B 185 -20.07 9.32 12.81
N ILE B 186 -18.84 9.69 13.13
CA ILE B 186 -18.10 8.99 14.18
C ILE B 186 -18.72 9.26 15.57
N THR B 187 -19.17 10.49 15.79
CA THR B 187 -19.89 10.78 17.03
C THR B 187 -21.14 9.90 17.18
N ALA B 188 -21.89 9.71 16.10
CA ALA B 188 -23.03 8.79 16.12
C ALA B 188 -22.59 7.38 16.49
N SER B 189 -21.42 6.97 16.01
CA SER B 189 -20.93 5.65 16.34
C SER B 189 -20.58 5.54 17.83
N GLU B 190 -20.07 6.63 18.42
CA GLU B 190 -19.78 6.60 19.85
C GLU B 190 -21.09 6.50 20.66
N GLN B 191 -22.08 7.25 20.22
CA GLN B 191 -23.39 7.21 20.88
C GLN B 191 -23.99 5.81 20.84
N ALA B 192 -23.63 5.05 19.81
CA ALA B 192 -24.10 3.66 19.63
C ALA B 192 -23.20 2.61 20.31
N ASP B 193 -22.20 3.06 21.05
CA ASP B 193 -21.29 2.18 21.79
C ASP B 193 -20.35 1.39 20.88
N ILE B 194 -19.83 2.06 19.86
CA ILE B 194 -18.93 1.43 18.89
C ILE B 194 -17.52 2.02 19.00
N LEU B 195 -16.52 1.15 19.04
CA LEU B 195 -15.12 1.56 19.04
C LEU B 195 -14.62 1.73 17.60
N PHE B 196 -13.99 2.86 17.32
CA PHE B 196 -13.58 3.22 15.96
C PHE B 196 -12.07 3.12 15.86
N VAL B 197 -11.55 1.99 15.38
CA VAL B 197 -10.11 1.77 15.32
C VAL B 197 -9.58 2.28 13.99
N ALA B 198 -8.50 3.06 14.04
CA ALA B 198 -8.00 3.77 12.85
C ALA B 198 -6.49 3.67 12.74
N ALA B 199 -5.99 3.56 11.51
CA ALA B 199 -4.56 3.48 11.24
C ALA B 199 -3.88 4.85 11.30
N ALA B 200 -2.71 4.92 11.92
CA ALA B 200 -2.02 6.20 12.04
C ALA B 200 -1.41 6.72 10.74
N GLY B 201 -1.11 5.83 9.79
CA GLY B 201 -0.49 6.26 8.54
C GLY B 201 0.95 5.79 8.38
N ASN B 202 1.42 5.72 7.13
CA ASN B 202 2.72 5.10 6.80
C ASN B 202 3.80 6.05 6.29
N ASP B 203 3.71 7.32 6.67
CA ASP B 203 4.61 8.30 6.09
C ASP B 203 5.70 8.77 7.06
N ALA B 204 5.86 8.09 8.20
CA ALA B 204 6.97 8.38 9.11
C ALA B 204 7.07 9.85 9.52
N VAL B 205 5.93 10.42 9.90
CA VAL B 205 5.87 11.79 10.36
C VAL B 205 5.01 11.89 11.62
N ASP B 206 5.11 13.04 12.29
CA ASP B 206 4.37 13.32 13.52
C ASP B 206 2.95 13.81 13.21
N ASN B 207 1.94 13.05 13.65
CA ASN B 207 0.54 13.43 13.42
C ASN B 207 0.08 14.58 14.31
N ASP B 208 0.84 14.87 15.37
CA ASP B 208 0.46 15.97 16.24
C ASP B 208 0.59 17.29 15.50
N GLN B 209 1.66 17.42 14.71
CA GLN B 209 1.86 18.66 13.95
C GLN B 209 1.29 18.54 12.55
N ASN B 210 1.18 17.30 12.07
CA ASN B 210 0.73 17.00 10.71
C ASN B 210 -0.50 16.08 10.76
N PRO B 211 -1.69 16.65 10.96
CA PRO B 211 -2.89 15.82 11.17
C PRO B 211 -3.18 14.91 9.99
N HIS B 212 -3.57 13.67 10.32
CA HIS B 212 -3.90 12.63 9.36
C HIS B 212 -5.30 12.15 9.72
N TYR B 213 -6.18 12.01 8.73
CA TYR B 213 -7.56 11.58 9.02
C TYR B 213 -7.89 10.24 8.40
N PRO B 214 -8.73 9.43 9.08
CA PRO B 214 -9.48 9.78 10.29
C PRO B 214 -8.75 9.60 11.63
N SER B 215 -7.47 9.22 11.61
CA SER B 215 -6.71 8.98 12.84
C SER B 215 -6.77 10.15 13.83
N ASN B 216 -6.68 11.38 13.31
CA ASN B 216 -6.62 12.57 14.15
C ASN B 216 -7.97 13.11 14.64
N TYR B 217 -9.09 12.51 14.22
CA TYR B 217 -10.37 12.95 14.80
C TYR B 217 -10.30 12.83 16.30
N GLU B 218 -10.77 13.85 17.00
CA GLU B 218 -10.60 13.91 18.45
C GLU B 218 -11.70 13.19 19.21
N ASN B 219 -12.65 12.62 18.47
CA ASN B 219 -13.69 11.79 19.05
C ASN B 219 -13.11 10.80 20.06
N ASP B 220 -13.73 10.65 21.21
CA ASP B 220 -13.18 9.80 22.26
C ASP B 220 -13.15 8.31 21.90
N ASN B 221 -14.02 7.90 20.99
CA ASN B 221 -14.10 6.48 20.64
C ASN B 221 -13.13 6.10 19.53
N VAL B 222 -12.39 7.09 19.02
CA VAL B 222 -11.36 6.81 18.02
C VAL B 222 -10.11 6.28 18.72
N LEU B 223 -9.66 5.11 18.29
CA LEU B 223 -8.47 4.49 18.83
C LEU B 223 -7.46 4.38 17.69
N SER B 224 -6.42 5.21 17.78
CA SER B 224 -5.46 5.49 16.71
C SER B 224 -4.21 4.63 16.88
N ILE B 225 -3.87 3.86 15.84
CA ILE B 225 -2.87 2.80 15.99
C ILE B 225 -1.61 2.96 15.13
N ALA B 226 -0.46 3.02 15.79
CA ALA B 226 0.84 2.98 15.11
C ALA B 226 1.28 1.52 14.90
N SER B 227 2.22 1.32 13.98
CA SER B 227 2.71 -0.02 13.65
C SER B 227 4.02 -0.35 14.36
N THR B 228 4.15 -1.61 14.78
CA THR B 228 5.40 -2.13 15.33
C THR B 228 5.90 -3.31 14.50
N ASP B 229 7.17 -3.67 14.69
CA ASP B 229 7.77 -4.76 13.93
C ASP B 229 8.18 -5.93 14.81
N SER B 230 8.82 -6.92 14.19
CA SER B 230 9.12 -8.17 14.87
C SER B 230 10.22 -8.04 15.92
N ARG B 231 10.86 -6.86 15.99
CA ARG B 231 11.83 -6.57 17.04
C ARG B 231 11.22 -5.66 18.12
N ASP B 232 9.93 -5.41 18.01
CA ASP B 232 9.23 -4.47 18.88
C ASP B 232 9.70 -3.01 18.73
N ASN B 233 10.37 -2.68 17.63
CA ASN B 233 10.57 -1.28 17.27
C ASN B 233 9.24 -0.73 16.80
N MET B 234 9.09 0.59 16.79
CA MET B 234 8.05 1.20 15.97
C MET B 234 8.50 0.99 14.53
N SER B 235 7.62 0.50 13.68
CA SER B 235 7.93 0.27 12.27
C SER B 235 8.52 1.53 11.64
N SER B 236 9.53 1.36 10.80
CA SER B 236 10.24 2.54 10.29
C SER B 236 9.29 3.48 9.54
N PHE B 237 8.24 2.93 8.94
CA PHE B 237 7.26 3.74 8.19
C PHE B 237 6.16 4.36 9.04
N SER B 238 6.05 3.97 10.31
CA SER B 238 4.86 4.36 11.05
C SER B 238 4.81 5.86 11.36
N GLN B 239 3.64 6.45 11.16
CA GLN B 239 3.39 7.77 11.74
C GLN B 239 3.19 7.62 13.25
N TRP B 240 3.35 8.72 13.97
CA TRP B 240 3.26 8.69 15.42
C TRP B 240 2.54 9.95 15.88
N GLY B 241 2.39 10.12 17.19
CA GLY B 241 1.78 11.34 17.70
C GLY B 241 1.60 11.22 19.19
N LEU B 242 2.37 11.99 19.95
CA LEU B 242 2.35 11.89 21.40
C LEU B 242 0.93 12.07 21.97
N THR B 243 0.12 12.92 21.34
CA THR B 243 -1.26 13.08 21.78
C THR B 243 -2.31 12.57 20.78
N SER B 244 -1.95 12.43 19.52
CA SER B 244 -2.93 12.05 18.48
C SER B 244 -2.88 10.57 18.09
N VAL B 245 -1.89 9.84 18.58
CA VAL B 245 -1.83 8.40 18.35
C VAL B 245 -1.75 7.70 19.70
N ASP B 246 -2.47 6.59 19.85
CA ASP B 246 -2.71 6.01 21.18
C ASP B 246 -1.76 4.91 21.62
N MET B 247 -1.47 3.99 20.71
CA MET B 247 -0.65 2.82 21.03
C MET B 247 -0.25 2.15 19.73
N GLY B 248 0.46 1.04 19.83
CA GLY B 248 0.96 0.37 18.65
C GLY B 248 0.60 -1.11 18.62
N ALA B 249 0.74 -1.73 17.46
CA ALA B 249 0.46 -3.15 17.28
C ALA B 249 1.20 -3.63 16.04
N PRO B 250 1.42 -4.95 15.91
CA PRO B 250 2.16 -5.49 14.76
C PRO B 250 1.60 -5.10 13.39
N GLY B 251 2.45 -4.49 12.57
CA GLY B 251 2.05 -4.10 11.23
C GLY B 251 3.13 -4.31 10.18
N SER B 252 4.33 -4.71 10.61
CA SER B 252 5.40 -4.99 9.64
C SER B 252 5.42 -6.46 9.20
N GLY B 253 5.19 -6.72 7.92
CA GLY B 253 5.28 -8.08 7.41
C GLY B 253 4.19 -9.00 7.95
N ILE B 254 2.95 -8.61 7.72
CA ILE B 254 1.80 -9.37 8.22
C ILE B 254 1.18 -10.25 7.13
N LEU B 255 1.23 -11.55 7.34
CA LEU B 255 0.63 -12.51 6.42
C LEU B 255 -0.84 -12.64 6.75
N SER B 256 -1.70 -12.62 5.73
CA SER B 256 -3.13 -12.79 5.93
C SER B 256 -3.83 -13.25 4.65
N THR B 257 -5.14 -13.42 4.73
CA THR B 257 -5.97 -13.83 3.61
C THR B 257 -6.09 -12.76 2.52
N VAL B 258 -6.01 -13.17 1.26
CA VAL B 258 -6.40 -12.31 0.13
C VAL B 258 -7.34 -13.07 -0.79
N PRO B 259 -8.14 -12.34 -1.60
CA PRO B 259 -9.12 -13.01 -2.46
C PRO B 259 -8.46 -14.00 -3.42
N GLY B 260 -9.27 -14.93 -3.94
CA GLY B 260 -8.76 -15.98 -4.81
C GLY B 260 -8.14 -17.09 -4.01
N ASN B 261 -8.68 -17.33 -2.81
CA ASN B 261 -8.21 -18.40 -1.94
C ASN B 261 -6.69 -18.36 -1.79
N SER B 262 -6.15 -17.18 -1.54
CA SER B 262 -4.71 -17.02 -1.38
C SER B 262 -4.33 -16.31 -0.08
N TYR B 263 -3.03 -16.11 0.10
CA TYR B 263 -2.49 -15.48 1.29
C TYR B 263 -1.35 -14.59 0.85
N ALA B 264 -1.17 -13.48 1.53
CA ALA B 264 -0.16 -12.52 1.10
C ALA B 264 0.34 -11.74 2.29
N THR B 265 1.56 -11.23 2.19
CA THR B 265 2.17 -10.48 3.28
C THR B 265 2.18 -8.99 2.93
N TYR B 266 1.56 -8.17 3.77
CA TYR B 266 1.52 -6.72 3.59
C TYR B 266 2.14 -6.05 4.82
N SER B 267 2.56 -4.80 4.67
CA SER B 267 3.04 -4.00 5.79
C SER B 267 2.36 -2.64 5.83
N GLY B 268 2.04 -2.18 7.03
CA GLY B 268 1.48 -0.84 7.16
C GLY B 268 0.74 -0.71 8.47
N THR B 269 0.39 0.51 8.83
CA THR B 269 -0.48 0.71 9.97
C THR B 269 -1.84 0.07 9.68
N SER B 270 -2.16 -0.13 8.40
CA SER B 270 -3.39 -0.82 8.00
C SER B 270 -3.44 -2.27 8.50
N MET B 271 -2.28 -2.84 8.76
CA MET B 271 -2.16 -4.21 9.26
C MET B 271 -2.12 -4.21 10.80
N ALA B 272 -1.67 -3.11 11.39
CA ALA B 272 -1.61 -3.03 12.85
C ALA B 272 -3.03 -2.83 13.37
N THR B 273 -3.79 -2.03 12.66
CA THR B 273 -5.15 -1.70 13.05
C THR B 273 -6.04 -2.94 13.34
N PRO B 274 -6.07 -3.93 12.42
CA PRO B 274 -6.92 -5.11 12.68
C PRO B 274 -6.43 -6.01 13.82
N HIS B 275 -5.15 -5.95 14.18
CA HIS B 275 -4.72 -6.64 15.40
C HIS B 275 -5.46 -6.04 16.60
N VAL B 276 -5.55 -4.71 16.64
CA VAL B 276 -6.28 -4.03 17.70
C VAL B 276 -7.79 -4.23 17.62
N ALA B 277 -8.37 -4.10 16.43
CA ALA B 277 -9.81 -4.37 16.26
C ALA B 277 -10.12 -5.82 16.65
N GLY B 278 -9.26 -6.75 16.26
CA GLY B 278 -9.42 -8.15 16.62
C GLY B 278 -9.33 -8.34 18.12
N ALA B 279 -8.36 -7.69 18.75
CA ALA B 279 -8.22 -7.80 20.21
C ALA B 279 -9.44 -7.21 20.92
N ALA B 280 -9.98 -6.11 20.39
CA ALA B 280 -11.17 -5.49 20.98
C ALA B 280 -12.33 -6.49 20.98
N ALA B 281 -12.54 -7.16 19.85
CA ALA B 281 -13.61 -8.15 19.75
C ALA B 281 -13.38 -9.32 20.69
N LEU B 282 -12.12 -9.74 20.81
CA LEU B 282 -11.80 -10.85 21.69
C LEU B 282 -12.07 -10.46 23.14
N VAL B 283 -11.74 -9.23 23.51
CA VAL B 283 -12.04 -8.74 24.85
C VAL B 283 -13.55 -8.78 25.12
N LEU B 284 -14.34 -8.38 24.13
CA LEU B 284 -15.79 -8.36 24.31
C LEU B 284 -16.41 -9.75 24.43
N SER B 285 -15.68 -10.78 24.00
CA SER B 285 -16.18 -12.15 24.20
C SER B 285 -16.04 -12.58 25.66
N VAL B 286 -15.18 -11.88 26.40
CA VAL B 286 -14.92 -12.17 27.81
C VAL B 286 -15.75 -11.24 28.68
N ASN B 287 -15.82 -9.97 28.32
CA ASN B 287 -16.56 -9.00 29.11
C ASN B 287 -17.35 -8.08 28.19
N PRO B 288 -18.56 -8.51 27.81
CA PRO B 288 -19.40 -7.77 26.87
C PRO B 288 -19.92 -6.47 27.47
N ASP B 289 -19.78 -6.31 28.78
CA ASP B 289 -20.38 -5.16 29.47
C ASP B 289 -19.47 -3.94 29.54
N LEU B 290 -18.23 -4.05 29.08
CA LEU B 290 -17.36 -2.89 29.04
C LEU B 290 -17.97 -1.82 28.12
N THR B 291 -17.85 -0.57 28.51
CA THR B 291 -18.23 0.53 27.63
C THR B 291 -17.12 0.70 26.59
N THR B 292 -17.44 1.40 25.50
CA THR B 292 -16.47 1.67 24.45
C THR B 292 -15.22 2.35 25.00
N LEU B 293 -15.41 3.32 25.88
CA LEU B 293 -14.28 4.05 26.44
C LEU B 293 -13.45 3.18 27.40
N GLU B 294 -14.13 2.38 28.20
CA GLU B 294 -13.45 1.40 29.05
C GLU B 294 -12.63 0.41 28.21
N LEU B 295 -13.22 -0.03 27.12
CA LEU B 295 -12.55 -0.96 26.20
C LEU B 295 -11.30 -0.31 25.59
N LYS B 296 -11.44 0.92 25.11
CA LYS B 296 -10.30 1.65 24.55
C LYS B 296 -9.18 1.78 25.58
N GLU B 297 -9.54 2.24 26.78
CA GLU B 297 -8.55 2.43 27.84
C GLU B 297 -7.87 1.13 28.25
N LEU B 298 -8.65 0.04 28.28
CA LEU B 298 -8.11 -1.27 28.64
C LEU B 298 -7.09 -1.77 27.61
N LEU B 299 -7.39 -1.61 26.33
CA LEU B 299 -6.45 -2.01 25.29
C LEU B 299 -5.14 -1.25 25.42
N MET B 300 -5.24 0.05 25.72
CA MET B 300 -4.04 0.88 25.87
C MET B 300 -3.27 0.52 27.14
N SER B 301 -3.98 0.37 28.25
CA SER B 301 -3.29 0.16 29.52
C SER B 301 -2.73 -1.25 29.72
N SER B 302 -3.34 -2.25 29.08
CA SER B 302 -2.88 -3.64 29.22
C SER B 302 -1.73 -3.97 28.29
N GLY B 303 -1.38 -3.05 27.39
CA GLY B 303 -0.30 -3.31 26.46
C GLY B 303 1.03 -3.39 27.18
N ASP B 304 2.03 -3.98 26.52
CA ASP B 304 3.37 -4.02 27.07
C ASP B 304 4.05 -2.66 26.92
N ALA B 305 4.75 -2.22 27.96
CA ALA B 305 5.56 -1.01 27.84
C ALA B 305 6.52 -1.18 26.65
N ASN B 306 6.63 -0.16 25.84
CA ASN B 306 7.42 -0.24 24.62
C ASN B 306 8.29 1.00 24.49
N ALA B 307 9.61 0.79 24.51
CA ALA B 307 10.56 1.90 24.50
C ALA B 307 10.37 2.83 23.31
N ALA B 308 10.15 2.24 22.14
CA ALA B 308 10.01 3.04 20.94
C ALA B 308 8.74 3.90 21.00
N LEU B 309 7.63 3.30 21.43
CA LEU B 309 6.35 3.99 21.38
C LEU B 309 6.21 4.98 22.53
N ASN B 310 6.98 4.74 23.60
CA ASN B 310 7.05 5.70 24.69
C ASN B 310 7.50 7.06 24.15
N GLY B 311 6.76 8.12 24.50
CA GLY B 311 7.09 9.45 24.05
C GLY B 311 6.57 9.78 22.66
N LYS B 312 5.98 8.80 21.97
CA LYS B 312 5.49 8.97 20.60
C LYS B 312 4.00 8.62 20.45
N THR B 313 3.37 8.23 21.55
CA THR B 313 1.96 7.88 21.58
C THR B 313 1.46 8.18 22.97
N VAL B 314 0.15 8.19 23.17
CA VAL B 314 -0.37 8.46 24.50
C VAL B 314 0.06 7.39 25.50
N ALA B 315 -0.17 6.13 25.17
CA ALA B 315 0.03 5.06 26.15
C ALA B 315 1.46 4.51 26.19
N GLY B 316 2.17 4.60 25.07
CA GLY B 316 3.52 4.07 24.99
C GLY B 316 3.57 2.56 25.08
N THR B 317 2.48 1.89 24.69
CA THR B 317 2.39 0.45 24.82
C THR B 317 2.18 -0.24 23.48
N ARG B 318 2.60 -1.49 23.40
CA ARG B 318 2.31 -2.33 22.25
C ARG B 318 1.25 -3.35 22.67
N LEU B 319 0.28 -3.55 21.81
CA LEU B 319 -0.85 -4.43 22.10
C LEU B 319 -0.46 -5.77 22.71
N ASN B 320 -1.15 -6.13 23.79
CA ASN B 320 -1.04 -7.45 24.37
C ASN B 320 -2.42 -7.98 24.68
N VAL B 321 -2.90 -8.92 23.87
CA VAL B 321 -4.30 -9.33 23.99
C VAL B 321 -4.51 -10.28 25.18
N ASN B 322 -3.46 -11.02 25.56
CA ASN B 322 -3.56 -11.85 26.75
C ASN B 322 -3.78 -10.99 27.98
N GLN B 323 -2.96 -9.95 28.12
CA GLN B 323 -3.11 -9.06 29.27
C GLN B 323 -4.45 -8.33 29.22
N ALA B 324 -4.92 -8.02 28.01
CA ALA B 324 -6.23 -7.39 27.86
C ALA B 324 -7.33 -8.31 28.41
N LEU B 325 -7.26 -9.59 28.05
CA LEU B 325 -8.26 -10.55 28.52
C LEU B 325 -8.22 -10.71 30.04
N ILE B 326 -7.01 -10.72 30.60
CA ILE B 326 -6.86 -10.85 32.05
C ILE B 326 -7.42 -9.62 32.76
N ASP B 327 -7.07 -8.44 32.27
CA ASP B 327 -7.53 -7.20 32.86
C ASP B 327 -9.05 -7.00 32.71
N ALA B 328 -9.63 -7.64 31.70
CA ALA B 328 -11.07 -7.53 31.43
C ALA B 328 -11.91 -8.48 32.28
N ASP B 329 -11.27 -9.44 32.92
CA ASP B 329 -12.00 -10.48 33.64
C ASP B 329 -13.10 -9.92 34.55
N PRO B 330 -14.35 -10.33 34.31
CA PRO B 330 -15.48 -9.84 35.11
C PRO B 330 -15.48 -10.50 36.50
#